data_1O1T
#
_entry.id   1O1T
#
_cell.length_a   171.44
_cell.length_b   171.44
_cell.length_c   69.22
_cell.angle_alpha   90.0
_cell.angle_beta   90.0
_cell.angle_gamma   120.0
#
_symmetry.space_group_name_H-M   'P 61'
#
loop_
_entity.id
_entity.type
_entity.pdbx_description
1 polymer 'Protein farnesyltransferase alpha subunit'
2 polymer 'Protein farnesyltransferase beta subunit'
3 non-polymer 'MAGNESIUM ION'
4 non-polymer 'ZINC ION'
5 non-polymer N-ACETYL-S-[(2E,6E)-3,7,11-TRIMETHYLDODECA-2,6,10-TRIENYL]-L-CYSTEINYL-D-VALYL-L-ISOLEUCYL-L-METHIONINE
6 water water
#
loop_
_entity_poly.entity_id
_entity_poly.type
_entity_poly.pdbx_seq_one_letter_code
_entity_poly.pdbx_strand_id
1 'polypeptide(L)'
;GSHMAATEGVGESAPGGEPGQPEQPPPPPPPPPAQQPQEEEMAAEAGEAAASPMDDGFLSLDSPTYVLYRDRAEWADIDP
VPQNDGPSPVVQIIYSEKFRDVYDYFRAVLQRDERSERAFKLTRDAIELNAANYTVWHFRRVLLRSLQKDLQEEMNYITA
IIEEQPKNYQVWHHRRVLVEWLKDPSQELEFIADILNQDAKNYHAWQHRQWVIQEFRLWDNELQYVDQLLKEDVRNNSVW
NQRHFVISNTTGYSDRAVLEREVQYTLEMIKLVPHNESAWNYLKGILQDRGLSRYPNLLNQLLDLQPSHSSPYLIAFLVD
IYEDMLENQCDNKEDILNKALELCEILAKEKDTIRKEYWRYIGRSLQSKHSRESDIPASV
;
A
2 'polypeptide(L)'
;MASSSSFTYYCPPSSSPVWSEPLYSLRPEHARERLQDDSVETVTSIEQAKVEEKIQEVFSSYKFNHLVPRLVLQREKHFH
YLKRGLRQLTDAYECLDASRPWLCYWILHSLELLDEPIPQIVATDVCQFLELCQSPDGGFGGGPGQYPHLAPTYAAVNAL
CIIGTEEAYNVINREKLLQYLYSLKQPDGSFLMHVGGEVDVRSAYCAASVASLTNIITPDLFEGTAEWIARCQNWEGGIG
GVPGMEAHGGYTFCGLAALVILKKERSLNLKSLLQWVTSRQMRFEGGFQGRCNKLVDGCYSFWQAGLLPLLHRALHAQGD
PALSMSHWMFHQQALQEYILMCCQCPAGGLLDKPGKSRDFYHTCYCLSGLSIAQHFGSGAMLHDVVMGVPENVLQPTHPV
YNIGPDKVIQATTHFLQKPVPGFEECE
;
B
#
loop_
_chem_comp.id
_chem_comp.type
_chem_comp.name
_chem_comp.formula
2NH non-polymer N-ACETYL-S-[(2E,6E)-3,7,11-TRIMETHYLDODECA-2,6,10-TRIENYL]-L-CYSTEINYL-D-VALYL-L-ISOLEUCYL-L-METHIONINE 'C36 H62 N4 O6 S2'
MG non-polymer 'MAGNESIUM ION' 'Mg 2'
ZN non-polymer 'ZINC ION' 'Zn 2'
#
# COMPACT_ATOMS: atom_id res chain seq x y z
N GLY A 57 39.41 2.08 7.89
CA GLY A 57 39.28 3.03 9.04
C GLY A 57 37.87 3.62 9.15
N PHE A 58 36.94 2.82 9.63
CA PHE A 58 35.56 3.25 9.76
C PHE A 58 35.19 4.01 11.03
N LEU A 59 35.22 5.35 10.94
CA LEU A 59 34.85 6.20 12.06
C LEU A 59 33.32 6.23 12.09
N SER A 60 32.74 5.50 13.04
CA SER A 60 31.29 5.40 13.21
C SER A 60 30.61 6.75 13.21
N LEU A 61 29.49 6.81 12.51
CA LEU A 61 28.71 8.03 12.42
C LEU A 61 28.23 8.38 13.82
N ASP A 62 28.21 7.38 14.70
CA ASP A 62 27.75 7.54 16.07
C ASP A 62 28.88 7.58 17.11
N SER A 63 30.10 7.49 16.61
CA SER A 63 31.31 7.50 17.44
C SER A 63 31.35 8.77 18.24
N PRO A 64 31.79 8.70 19.50
CA PRO A 64 31.86 9.93 20.29
C PRO A 64 32.90 10.89 19.66
N THR A 65 33.88 10.31 18.97
CA THR A 65 34.94 11.08 18.32
C THR A 65 34.77 11.22 16.81
N TYR A 66 33.52 11.23 16.35
CA TYR A 66 33.23 11.40 14.93
C TYR A 66 33.50 12.88 14.63
N VAL A 67 34.15 13.14 13.50
CA VAL A 67 34.48 14.50 13.07
C VAL A 67 33.83 14.84 11.71
N LEU A 68 33.30 16.05 11.58
CA LEU A 68 32.70 16.47 10.31
C LEU A 68 33.73 16.32 9.20
N TYR A 69 33.26 15.90 8.02
CA TYR A 69 34.12 15.72 6.85
C TYR A 69 34.92 16.97 6.50
N ARG A 70 34.32 18.14 6.71
CA ARG A 70 34.97 19.41 6.42
C ARG A 70 36.12 19.68 7.41
N ASP A 71 36.16 18.92 8.50
CA ASP A 71 37.22 19.07 9.47
C ASP A 71 38.20 17.92 9.32
N ARG A 72 38.03 17.09 8.30
CA ARG A 72 38.94 15.95 8.09
C ARG A 72 40.03 16.30 7.08
N ALA A 73 41.27 16.06 7.47
CA ALA A 73 42.42 16.39 6.63
C ALA A 73 42.53 15.62 5.33
N GLU A 74 42.09 14.36 5.34
CA GLU A 74 42.17 13.49 4.16
C GLU A 74 41.07 13.78 3.12
N TRP A 75 40.35 14.89 3.32
CA TRP A 75 39.28 15.34 2.46
C TRP A 75 39.41 16.81 2.12
N ALA A 76 40.45 17.46 2.65
CA ALA A 76 40.68 18.90 2.44
C ALA A 76 40.93 19.35 0.99
N ASP A 77 41.25 18.39 0.14
CA ASP A 77 41.49 18.66 -1.25
C ASP A 77 40.21 18.88 -2.01
N ILE A 78 39.15 18.20 -1.59
CA ILE A 78 37.87 18.31 -2.27
C ILE A 78 36.90 19.32 -1.67
N ASP A 79 36.24 20.07 -2.55
CA ASP A 79 35.28 21.07 -2.13
C ASP A 79 33.88 20.45 -2.10
N PRO A 80 33.18 20.62 -0.98
CA PRO A 80 31.83 20.07 -0.87
C PRO A 80 30.90 20.84 -1.81
N VAL A 81 29.96 20.12 -2.42
CA VAL A 81 29.00 20.73 -3.33
C VAL A 81 27.67 20.82 -2.61
N PRO A 82 27.18 22.03 -2.37
CA PRO A 82 25.89 22.22 -1.68
C PRO A 82 24.70 21.90 -2.58
N GLN A 83 23.55 21.66 -1.96
CA GLN A 83 22.35 21.31 -2.72
C GLN A 83 21.68 22.54 -3.31
N ASN A 84 21.24 22.38 -4.55
CA ASN A 84 20.57 23.41 -5.31
C ASN A 84 19.05 23.28 -5.17
N ASP A 85 18.47 23.96 -4.18
CA ASP A 85 17.02 23.93 -3.94
C ASP A 85 16.31 25.07 -4.64
N GLY A 86 17.12 25.98 -5.18
CA GLY A 86 16.58 27.14 -5.84
C GLY A 86 16.65 28.36 -4.94
N PRO A 87 16.29 29.54 -5.46
CA PRO A 87 16.30 30.80 -4.71
C PRO A 87 15.09 30.89 -3.77
N SER A 88 14.05 30.14 -4.10
CA SER A 88 12.82 30.09 -3.31
C SER A 88 12.42 28.62 -3.08
N PRO A 89 13.04 27.98 -2.07
CA PRO A 89 12.79 26.59 -1.69
C PRO A 89 11.40 26.26 -1.21
N VAL A 90 10.98 25.05 -1.55
CA VAL A 90 9.69 24.53 -1.12
C VAL A 90 10.06 23.20 -0.44
N VAL A 91 9.23 22.76 0.51
CA VAL A 91 9.45 21.53 1.28
C VAL A 91 10.95 21.39 1.61
N GLN A 92 11.55 22.49 2.06
CA GLN A 92 12.96 22.54 2.39
C GLN A 92 13.27 22.00 3.75
N ILE A 93 14.12 20.99 3.80
CA ILE A 93 14.46 20.35 5.05
C ILE A 93 15.59 21.08 5.74
N ILE A 94 15.41 21.39 7.02
CA ILE A 94 16.44 22.09 7.79
C ILE A 94 17.38 21.01 8.32
N TYR A 95 18.32 20.59 7.48
CA TYR A 95 19.24 19.53 7.85
C TYR A 95 20.11 19.85 9.02
N SER A 96 20.51 18.80 9.70
CA SER A 96 21.41 18.88 10.84
C SER A 96 22.75 19.10 10.20
N GLU A 97 23.70 19.58 10.99
CA GLU A 97 25.05 19.85 10.53
C GLU A 97 25.75 18.61 9.96
N LYS A 98 25.57 17.47 10.64
CA LYS A 98 26.16 16.19 10.22
C LYS A 98 25.58 15.73 8.89
N PHE A 99 24.27 15.81 8.77
CA PHE A 99 23.59 15.38 7.56
C PHE A 99 24.10 16.18 6.37
N ARG A 100 24.00 17.50 6.51
CA ARG A 100 24.42 18.50 5.52
C ARG A 100 25.88 18.33 5.12
N ASP A 101 26.75 18.10 6.10
CA ASP A 101 28.17 17.91 5.88
C ASP A 101 28.46 16.68 4.99
N VAL A 102 27.92 15.50 5.36
CA VAL A 102 28.10 14.25 4.60
C VAL A 102 27.52 14.31 3.17
N TYR A 103 26.29 14.84 3.04
CA TYR A 103 25.67 14.96 1.72
C TYR A 103 26.30 15.98 0.78
N ASP A 104 26.83 17.08 1.32
CA ASP A 104 27.51 18.08 0.49
C ASP A 104 28.80 17.45 -0.02
N TYR A 105 29.40 16.58 0.78
CA TYR A 105 30.60 15.89 0.35
C TYR A 105 30.26 14.75 -0.58
N PHE A 106 29.13 14.07 -0.34
CA PHE A 106 28.72 12.95 -1.22
C PHE A 106 28.47 13.52 -2.61
N ARG A 107 27.84 14.69 -2.64
CA ARG A 107 27.54 15.38 -3.89
C ARG A 107 28.85 15.66 -4.64
N ALA A 108 29.87 16.07 -3.90
CA ALA A 108 31.19 16.36 -4.47
C ALA A 108 31.77 15.14 -5.15
N VAL A 109 31.96 14.03 -4.42
CA VAL A 109 32.53 12.82 -5.03
C VAL A 109 31.68 12.19 -6.13
N LEU A 110 30.36 12.39 -6.08
CA LEU A 110 29.45 11.83 -7.09
C LEU A 110 29.52 12.63 -8.39
N GLN A 111 29.51 13.95 -8.24
CA GLN A 111 29.59 14.82 -9.41
C GLN A 111 30.87 14.58 -10.16
N ARG A 112 31.96 14.36 -9.45
CA ARG A 112 33.23 14.11 -10.11
C ARG A 112 33.45 12.64 -10.37
N ASP A 113 32.46 11.83 -9.96
CA ASP A 113 32.51 10.39 -10.15
C ASP A 113 33.80 9.77 -9.62
N GLU A 114 34.20 10.22 -8.43
CA GLU A 114 35.40 9.73 -7.78
C GLU A 114 35.21 8.34 -7.18
N ARG A 115 35.74 7.33 -7.85
CA ARG A 115 35.60 5.95 -7.39
C ARG A 115 36.73 5.53 -6.47
N SER A 116 36.77 6.17 -5.30
CA SER A 116 37.80 5.90 -4.32
C SER A 116 37.31 5.19 -3.08
N GLU A 117 38.27 4.65 -2.34
CA GLU A 117 37.97 3.95 -1.13
C GLU A 117 37.39 4.93 -0.12
N ARG A 118 37.83 6.19 -0.18
CA ARG A 118 37.31 7.18 0.74
C ARG A 118 35.85 7.48 0.39
N ALA A 119 35.54 7.52 -0.91
CA ALA A 119 34.18 7.78 -1.38
C ALA A 119 33.29 6.63 -0.95
N PHE A 120 33.84 5.41 -1.02
CA PHE A 120 33.13 4.21 -0.63
C PHE A 120 32.72 4.26 0.86
N LYS A 121 33.68 4.61 1.72
CA LYS A 121 33.42 4.71 3.14
C LYS A 121 32.40 5.79 3.46
N LEU A 122 32.42 6.87 2.67
CA LEU A 122 31.46 7.99 2.85
C LEU A 122 30.02 7.62 2.49
N THR A 123 29.81 6.80 1.46
CA THR A 123 28.47 6.41 1.09
C THR A 123 27.85 5.66 2.28
N ARG A 124 28.69 4.96 3.03
CA ARG A 124 28.22 4.24 4.19
C ARG A 124 27.57 5.21 5.16
N ASP A 125 28.20 6.37 5.34
CA ASP A 125 27.69 7.40 6.23
C ASP A 125 26.43 8.06 5.68
N ALA A 126 26.40 8.28 4.38
CA ALA A 126 25.25 8.91 3.76
C ALA A 126 24.06 7.96 3.83
N ILE A 127 24.32 6.66 3.76
CA ILE A 127 23.28 5.64 3.84
C ILE A 127 22.73 5.61 5.27
N GLU A 128 23.62 5.67 6.25
CA GLU A 128 23.16 5.64 7.62
C GLU A 128 22.36 6.89 7.97
N LEU A 129 22.63 8.00 7.30
CA LEU A 129 21.90 9.24 7.53
C LEU A 129 20.52 9.18 6.89
N ASN A 130 20.43 8.53 5.74
CA ASN A 130 19.16 8.35 5.08
C ASN A 130 19.27 7.11 4.20
N ALA A 131 18.89 5.96 4.76
CA ALA A 131 18.98 4.68 4.07
C ALA A 131 18.06 4.56 2.87
N ALA A 132 17.16 5.52 2.72
CA ALA A 132 16.21 5.51 1.60
C ALA A 132 16.74 6.27 0.40
N ASN A 133 17.96 6.82 0.52
CA ASN A 133 18.54 7.54 -0.61
C ASN A 133 19.10 6.51 -1.59
N TYR A 134 18.29 6.24 -2.62
CA TYR A 134 18.62 5.27 -3.64
C TYR A 134 19.75 5.71 -4.57
N THR A 135 19.99 7.02 -4.67
CA THR A 135 21.07 7.53 -5.50
C THR A 135 22.41 7.12 -4.86
N VAL A 136 22.46 7.22 -3.54
CA VAL A 136 23.67 6.86 -2.82
C VAL A 136 23.86 5.37 -2.94
N TRP A 137 22.78 4.61 -2.78
CA TRP A 137 22.88 3.16 -2.90
C TRP A 137 23.47 2.74 -4.28
N HIS A 138 23.08 3.45 -5.33
CA HIS A 138 23.55 3.17 -6.69
C HIS A 138 25.04 3.40 -6.77
N PHE A 139 25.49 4.57 -6.34
CA PHE A 139 26.91 4.86 -6.36
C PHE A 139 27.66 3.85 -5.51
N ARG A 140 27.06 3.39 -4.41
CA ARG A 140 27.74 2.40 -3.60
C ARG A 140 27.93 1.10 -4.35
N ARG A 141 26.95 0.70 -5.15
CA ARG A 141 27.14 -0.53 -5.88
C ARG A 141 28.15 -0.31 -7.01
N VAL A 142 28.23 0.93 -7.51
CA VAL A 142 29.19 1.26 -8.54
C VAL A 142 30.61 1.07 -7.96
N LEU A 143 30.83 1.57 -6.75
CA LEU A 143 32.12 1.45 -6.10
C LEU A 143 32.43 0.03 -5.67
N LEU A 144 31.40 -0.77 -5.36
CA LEU A 144 31.64 -2.15 -4.95
C LEU A 144 32.29 -2.95 -6.10
N ARG A 145 31.93 -2.63 -7.33
CA ARG A 145 32.48 -3.33 -8.49
C ARG A 145 33.80 -2.71 -8.94
N SER A 146 33.87 -1.37 -8.99
CA SER A 146 35.10 -0.68 -9.36
C SER A 146 36.26 -1.11 -8.45
N LEU A 147 36.13 -0.83 -7.14
CA LEU A 147 37.15 -1.16 -6.17
C LEU A 147 37.27 -2.65 -5.92
N GLN A 148 36.42 -3.45 -6.56
CA GLN A 148 36.46 -4.88 -6.36
C GLN A 148 36.48 -5.21 -4.86
N LYS A 149 35.45 -4.74 -4.16
CA LYS A 149 35.32 -4.95 -2.71
C LYS A 149 34.89 -6.35 -2.38
N ASP A 150 35.32 -6.88 -1.23
CA ASP A 150 34.92 -8.23 -0.83
C ASP A 150 33.39 -8.18 -0.59
N LEU A 151 32.64 -8.90 -1.43
CA LEU A 151 31.19 -8.92 -1.32
C LEU A 151 30.68 -9.71 -0.13
N GLN A 152 31.53 -10.48 0.50
CA GLN A 152 31.10 -11.22 1.66
C GLN A 152 31.13 -10.28 2.86
N GLU A 153 32.07 -9.34 2.88
CA GLU A 153 32.16 -8.37 3.97
C GLU A 153 30.94 -7.45 3.81
N GLU A 154 30.57 -7.16 2.56
CA GLU A 154 29.41 -6.33 2.24
C GLU A 154 28.10 -7.02 2.65
N MET A 155 28.10 -8.36 2.68
CA MET A 155 26.93 -9.10 3.12
C MET A 155 26.83 -8.92 4.62
N ASN A 156 27.97 -8.84 5.28
CA ASN A 156 28.01 -8.64 6.73
C ASN A 156 27.41 -7.29 7.00
N TYR A 157 27.85 -6.31 6.22
CA TYR A 157 27.36 -4.96 6.32
C TYR A 157 25.83 -4.92 6.09
N ILE A 158 25.35 -5.41 4.95
CA ILE A 158 23.91 -5.36 4.67
C ILE A 158 23.07 -6.12 5.70
N THR A 159 23.66 -7.14 6.33
CA THR A 159 22.98 -7.90 7.34
C THR A 159 22.71 -7.01 8.57
N ALA A 160 23.71 -6.22 8.94
CA ALA A 160 23.63 -5.33 10.07
C ALA A 160 22.58 -4.25 9.88
N ILE A 161 22.68 -3.55 8.74
CA ILE A 161 21.74 -2.48 8.46
C ILE A 161 20.31 -2.93 8.22
N ILE A 162 20.11 -4.16 7.74
CA ILE A 162 18.75 -4.63 7.56
C ILE A 162 18.17 -4.95 8.95
N GLU A 163 19.00 -5.44 9.86
CA GLU A 163 18.52 -5.73 11.20
C GLU A 163 18.01 -4.42 11.83
N GLU A 164 18.69 -3.32 11.50
CA GLU A 164 18.34 -2.00 12.00
C GLU A 164 17.14 -1.34 11.29
N GLN A 165 17.08 -1.50 9.98
CA GLN A 165 16.00 -0.91 9.17
C GLN A 165 15.35 -1.97 8.28
N PRO A 166 14.64 -2.94 8.89
CA PRO A 166 13.98 -4.02 8.13
C PRO A 166 12.82 -3.66 7.21
N LYS A 167 12.32 -2.44 7.31
CA LYS A 167 11.22 -2.06 6.46
C LYS A 167 11.64 -1.14 5.34
N ASN A 168 12.96 -0.93 5.24
CA ASN A 168 13.52 -0.10 4.19
C ASN A 168 13.60 -0.96 2.91
N TYR A 169 13.20 -0.39 1.78
CA TYR A 169 13.20 -1.09 0.49
C TYR A 169 14.62 -1.31 -0.09
N GLN A 170 15.44 -0.26 -0.01
CA GLN A 170 16.80 -0.25 -0.54
C GLN A 170 17.71 -1.30 0.05
N VAL A 171 17.62 -1.48 1.37
CA VAL A 171 18.45 -2.44 2.07
C VAL A 171 18.19 -3.87 1.59
N TRP A 172 16.94 -4.20 1.30
CA TRP A 172 16.60 -5.54 0.83
C TRP A 172 16.98 -5.75 -0.62
N HIS A 173 16.78 -4.72 -1.45
CA HIS A 173 17.14 -4.81 -2.85
C HIS A 173 18.66 -4.98 -2.97
N HIS A 174 19.41 -4.27 -2.13
CA HIS A 174 20.85 -4.37 -2.14
C HIS A 174 21.29 -5.78 -1.78
N ARG A 175 20.70 -6.37 -0.74
CA ARG A 175 21.05 -7.72 -0.34
C ARG A 175 20.82 -8.71 -1.48
N ARG A 176 19.74 -8.49 -2.24
CA ARG A 176 19.39 -9.34 -3.35
C ARG A 176 20.45 -9.27 -4.45
N VAL A 177 20.87 -8.05 -4.77
CA VAL A 177 21.92 -7.80 -5.75
C VAL A 177 23.22 -8.54 -5.35
N LEU A 178 23.55 -8.53 -4.07
CA LEU A 178 24.75 -9.19 -3.57
C LEU A 178 24.65 -10.71 -3.72
N VAL A 179 23.48 -11.26 -3.40
CA VAL A 179 23.25 -12.70 -3.51
C VAL A 179 23.33 -13.15 -4.97
N GLU A 180 22.90 -12.27 -5.87
CA GLU A 180 22.94 -12.60 -7.29
C GLU A 180 24.39 -12.64 -7.71
N TRP A 181 25.12 -11.56 -7.40
CA TRP A 181 26.53 -11.42 -7.71
C TRP A 181 27.35 -12.61 -7.25
N LEU A 182 27.11 -13.01 -6.02
CA LEU A 182 27.82 -14.13 -5.42
C LEU A 182 27.20 -15.47 -5.77
N LYS A 183 26.01 -15.47 -6.34
CA LYS A 183 25.33 -16.72 -6.65
C LYS A 183 25.37 -17.64 -5.43
N ASP A 184 25.21 -17.03 -4.26
CA ASP A 184 25.25 -17.75 -2.99
C ASP A 184 24.08 -17.42 -2.08
N PRO A 185 23.14 -18.36 -1.95
CA PRO A 185 21.95 -18.23 -1.12
C PRO A 185 22.06 -18.97 0.20
N SER A 186 23.27 -19.40 0.55
CA SER A 186 23.46 -20.20 1.77
C SER A 186 23.11 -19.57 3.11
N GLN A 187 23.23 -18.26 3.23
CA GLN A 187 22.89 -17.59 4.50
C GLN A 187 21.45 -17.11 4.56
N GLU A 188 20.80 -17.02 3.40
CA GLU A 188 19.46 -16.47 3.27
C GLU A 188 18.31 -16.93 4.13
N LEU A 189 17.97 -18.21 4.09
CA LEU A 189 16.84 -18.69 4.86
C LEU A 189 17.02 -18.46 6.34
N GLU A 190 18.26 -18.55 6.79
CA GLU A 190 18.58 -18.33 8.20
C GLU A 190 18.52 -16.87 8.57
N PHE A 191 19.06 -16.00 7.72
CA PHE A 191 19.02 -14.57 7.97
C PHE A 191 17.57 -14.05 8.01
N ILE A 192 16.78 -14.41 7.00
CA ILE A 192 15.37 -14.04 6.92
C ILE A 192 14.59 -14.58 8.13
N ALA A 193 14.89 -15.80 8.57
CA ALA A 193 14.20 -16.36 9.73
C ALA A 193 14.49 -15.53 10.97
N ASP A 194 15.67 -14.91 11.03
CA ASP A 194 15.97 -14.07 12.19
C ASP A 194 15.17 -12.77 12.14
N ILE A 195 14.98 -12.22 10.95
CA ILE A 195 14.21 -10.99 10.81
C ILE A 195 12.74 -11.29 11.16
N LEU A 196 12.25 -12.45 10.71
CA LEU A 196 10.87 -12.89 10.95
C LEU A 196 10.65 -13.28 12.40
N ASN A 197 11.74 -13.43 13.13
CA ASN A 197 11.65 -13.75 14.53
C ASN A 197 11.37 -12.46 15.31
N GLN A 198 11.69 -11.33 14.69
CA GLN A 198 11.48 -10.03 15.28
C GLN A 198 10.16 -9.41 14.86
N ASP A 199 9.75 -9.71 13.63
CA ASP A 199 8.49 -9.24 13.04
C ASP A 199 8.11 -10.29 12.01
N ALA A 200 7.30 -11.24 12.43
CA ALA A 200 6.87 -12.35 11.60
C ALA A 200 6.01 -11.95 10.43
N LYS A 201 5.78 -10.66 10.28
CA LYS A 201 4.93 -10.22 9.19
C LYS A 201 5.61 -9.22 8.28
N ASN A 202 6.91 -9.03 8.46
CA ASN A 202 7.66 -8.08 7.63
C ASN A 202 7.49 -8.47 6.17
N TYR A 203 6.89 -7.58 5.38
CA TYR A 203 6.59 -7.82 3.97
C TYR A 203 7.81 -8.06 3.07
N HIS A 204 8.87 -7.25 3.25
CA HIS A 204 10.12 -7.37 2.47
C HIS A 204 10.82 -8.68 2.78
N ALA A 205 10.84 -9.08 4.05
CA ALA A 205 11.47 -10.32 4.47
C ALA A 205 10.76 -11.49 3.80
N TRP A 206 9.44 -11.46 3.76
CA TRP A 206 8.69 -12.51 3.12
C TRP A 206 8.90 -12.49 1.63
N GLN A 207 9.04 -11.30 1.05
CA GLN A 207 9.27 -11.20 -0.37
C GLN A 207 10.65 -11.72 -0.75
N HIS A 208 11.63 -11.42 0.09
CA HIS A 208 13.00 -11.85 -0.17
C HIS A 208 13.05 -13.36 -0.02
N ARG A 209 12.33 -13.89 0.95
CA ARG A 209 12.29 -15.31 1.21
C ARG A 209 11.73 -16.04 0.00
N GLN A 210 10.69 -15.48 -0.60
CA GLN A 210 10.08 -16.08 -1.79
C GLN A 210 11.00 -16.05 -2.99
N TRP A 211 11.75 -14.97 -3.12
CA TRP A 211 12.67 -14.83 -4.23
C TRP A 211 13.81 -15.85 -4.11
N VAL A 212 14.41 -15.99 -2.93
CA VAL A 212 15.50 -16.94 -2.70
C VAL A 212 15.05 -18.37 -2.95
N ILE A 213 13.87 -18.72 -2.43
CA ILE A 213 13.30 -20.05 -2.57
C ILE A 213 13.00 -20.44 -4.02
N GLN A 214 12.40 -19.53 -4.76
CA GLN A 214 12.06 -19.79 -6.15
C GLN A 214 13.31 -19.75 -7.04
N GLU A 215 14.14 -18.75 -6.82
CA GLU A 215 15.36 -18.53 -7.58
C GLU A 215 16.37 -19.67 -7.47
N PHE A 216 16.65 -20.09 -6.24
CA PHE A 216 17.62 -21.14 -5.99
C PHE A 216 16.97 -22.48 -5.69
N ARG A 217 15.66 -22.57 -5.91
CA ARG A 217 14.88 -23.79 -5.68
C ARG A 217 15.04 -24.40 -4.29
N LEU A 218 14.95 -23.60 -3.24
CA LEU A 218 15.10 -24.13 -1.89
C LEU A 218 13.74 -24.39 -1.22
N TRP A 219 12.97 -25.31 -1.83
CA TRP A 219 11.63 -25.66 -1.37
C TRP A 219 11.48 -26.69 -0.26
N ASP A 220 12.42 -27.62 -0.18
CA ASP A 220 12.33 -28.72 0.78
C ASP A 220 11.96 -28.55 2.26
N ASN A 221 12.40 -27.48 2.89
CA ASN A 221 12.06 -27.33 4.30
C ASN A 221 11.12 -26.19 4.64
N GLU A 222 10.56 -25.55 3.61
CA GLU A 222 9.68 -24.42 3.83
C GLU A 222 8.32 -24.73 4.44
N LEU A 223 7.70 -25.83 4.05
CA LEU A 223 6.40 -26.19 4.60
C LEU A 223 6.58 -26.45 6.09
N GLN A 224 7.72 -27.00 6.46
CA GLN A 224 8.03 -27.28 7.86
C GLN A 224 8.22 -25.95 8.62
N TYR A 225 8.90 -25.00 8.00
CA TYR A 225 9.10 -23.66 8.60
C TYR A 225 7.72 -23.00 8.78
N VAL A 226 6.85 -23.17 7.77
CA VAL A 226 5.49 -22.65 7.82
C VAL A 226 4.72 -23.23 9.02
N ASP A 227 4.77 -24.54 9.21
CA ASP A 227 4.08 -25.19 10.33
C ASP A 227 4.58 -24.66 11.66
N GLN A 228 5.87 -24.38 11.74
CA GLN A 228 6.46 -23.85 12.95
C GLN A 228 5.86 -22.47 13.28
N LEU A 229 5.86 -21.59 12.29
CA LEU A 229 5.32 -20.25 12.49
C LEU A 229 3.82 -20.24 12.71
N LEU A 230 3.12 -21.20 12.10
CA LEU A 230 1.66 -21.29 12.29
C LEU A 230 1.34 -21.69 13.72
N LYS A 231 2.27 -22.45 14.33
CA LYS A 231 2.11 -22.86 15.71
C LYS A 231 2.28 -21.64 16.59
N GLU A 232 3.23 -20.79 16.26
CA GLU A 232 3.48 -19.58 17.05
C GLU A 232 2.31 -18.59 16.98
N ASP A 233 1.75 -18.41 15.78
CA ASP A 233 0.63 -17.52 15.58
C ASP A 233 -0.20 -17.99 14.38
N VAL A 234 -1.22 -18.78 14.68
CA VAL A 234 -2.11 -19.33 13.66
C VAL A 234 -2.85 -18.21 12.94
N ARG A 235 -2.73 -17.00 13.46
CA ARG A 235 -3.40 -15.86 12.85
C ARG A 235 -2.46 -15.06 11.92
N ASN A 236 -1.21 -15.50 11.77
CA ASN A 236 -0.24 -14.79 10.94
C ASN A 236 -0.59 -15.10 9.49
N ASN A 237 -1.26 -14.16 8.85
CA ASN A 237 -1.70 -14.30 7.47
C ASN A 237 -0.54 -14.45 6.47
N SER A 238 0.62 -13.88 6.79
CA SER A 238 1.80 -13.95 5.91
C SER A 238 2.24 -15.40 5.77
N VAL A 239 2.05 -16.15 6.86
CA VAL A 239 2.42 -17.56 6.91
C VAL A 239 1.39 -18.39 6.17
N TRP A 240 0.11 -18.00 6.25
CA TRP A 240 -0.94 -18.71 5.53
C TRP A 240 -0.65 -18.49 4.05
N ASN A 241 -0.13 -17.31 3.71
CA ASN A 241 0.21 -17.04 2.33
C ASN A 241 1.42 -17.89 1.90
N GLN A 242 2.41 -18.01 2.77
CA GLN A 242 3.61 -18.80 2.47
C GLN A 242 3.26 -20.24 2.27
N ARG A 243 2.28 -20.72 3.03
CA ARG A 243 1.82 -22.10 2.95
C ARG A 243 1.31 -22.36 1.54
N HIS A 244 0.53 -21.43 1.03
CA HIS A 244 -0.03 -21.55 -0.30
C HIS A 244 1.04 -21.42 -1.36
N PHE A 245 1.99 -20.51 -1.15
CA PHE A 245 3.11 -20.31 -2.08
C PHE A 245 3.93 -21.61 -2.24
N VAL A 246 4.24 -22.26 -1.13
CA VAL A 246 5.02 -23.51 -1.15
C VAL A 246 4.24 -24.61 -1.84
N ILE A 247 3.02 -24.83 -1.37
CA ILE A 247 2.21 -25.89 -1.93
C ILE A 247 1.93 -25.74 -3.41
N SER A 248 1.48 -24.58 -3.85
CA SER A 248 1.21 -24.43 -5.26
C SER A 248 2.46 -24.52 -6.14
N ASN A 249 3.63 -24.28 -5.56
CA ASN A 249 4.85 -24.33 -6.36
C ASN A 249 5.57 -25.66 -6.25
N THR A 250 4.98 -26.58 -5.51
CA THR A 250 5.57 -27.89 -5.35
C THR A 250 4.57 -28.97 -5.77
N THR A 251 3.71 -29.42 -4.87
CA THR A 251 2.74 -30.46 -5.22
C THR A 251 1.51 -29.96 -5.97
N GLY A 252 1.08 -28.73 -5.68
CA GLY A 252 -0.12 -28.20 -6.29
C GLY A 252 -1.29 -28.65 -5.42
N TYR A 253 -2.48 -28.13 -5.68
CA TYR A 253 -3.64 -28.53 -4.91
C TYR A 253 -4.55 -29.51 -5.66
N SER A 254 -4.10 -29.97 -6.82
CA SER A 254 -4.89 -30.91 -7.60
C SER A 254 -4.78 -32.29 -6.99
N ASP A 255 -3.64 -32.57 -6.37
CA ASP A 255 -3.41 -33.83 -5.70
C ASP A 255 -4.46 -33.89 -4.58
N ARG A 256 -5.45 -34.79 -4.76
CA ARG A 256 -6.56 -34.99 -3.83
C ARG A 256 -6.13 -35.24 -2.40
N ALA A 257 -5.03 -35.96 -2.24
CA ALA A 257 -4.54 -36.25 -0.90
C ALA A 257 -4.03 -34.95 -0.26
N VAL A 258 -3.37 -34.12 -1.08
CA VAL A 258 -2.83 -32.85 -0.60
C VAL A 258 -3.99 -31.96 -0.25
N LEU A 259 -4.95 -31.87 -1.17
CA LEU A 259 -6.14 -31.06 -0.97
C LEU A 259 -6.87 -31.50 0.29
N GLU A 260 -7.01 -32.81 0.43
CA GLU A 260 -7.67 -33.39 1.59
C GLU A 260 -6.92 -33.07 2.88
N ARG A 261 -5.59 -33.17 2.83
CA ARG A 261 -4.75 -32.87 3.99
C ARG A 261 -4.90 -31.38 4.36
N GLU A 262 -4.92 -30.52 3.34
CA GLU A 262 -5.03 -29.08 3.52
C GLU A 262 -6.37 -28.61 4.07
N VAL A 263 -7.45 -29.17 3.55
CA VAL A 263 -8.79 -28.82 4.00
C VAL A 263 -9.00 -29.32 5.41
N GLN A 264 -8.51 -30.53 5.70
CA GLN A 264 -8.65 -31.10 7.04
C GLN A 264 -7.88 -30.26 8.07
N TYR A 265 -6.62 -29.97 7.76
CA TYR A 265 -5.75 -29.15 8.60
C TYR A 265 -6.41 -27.82 8.92
N THR A 266 -6.90 -27.17 7.87
CA THR A 266 -7.55 -25.88 7.98
C THR A 266 -8.79 -25.96 8.88
N LEU A 267 -9.58 -27.02 8.69
CA LEU A 267 -10.80 -27.21 9.48
C LEU A 267 -10.48 -27.40 10.95
N GLU A 268 -9.37 -28.07 11.24
CA GLU A 268 -8.95 -28.27 12.62
C GLU A 268 -8.54 -26.91 13.21
N MET A 269 -7.96 -26.03 12.39
CA MET A 269 -7.56 -24.70 12.84
C MET A 269 -8.78 -23.83 13.10
N ILE A 270 -9.80 -23.98 12.26
CA ILE A 270 -11.03 -23.21 12.45
C ILE A 270 -11.71 -23.68 13.76
N LYS A 271 -11.62 -24.98 14.06
CA LYS A 271 -12.20 -25.51 15.28
C LYS A 271 -11.51 -24.94 16.49
N LEU A 272 -10.20 -24.79 16.42
CA LEU A 272 -9.45 -24.24 17.55
C LEU A 272 -9.67 -22.73 17.75
N VAL A 273 -9.65 -21.96 16.67
CA VAL A 273 -9.82 -20.50 16.75
C VAL A 273 -10.82 -20.07 15.67
N PRO A 274 -12.12 -20.35 15.90
CA PRO A 274 -13.26 -20.05 15.01
C PRO A 274 -13.33 -18.64 14.44
N HIS A 275 -12.80 -17.68 15.19
CA HIS A 275 -12.83 -16.29 14.73
C HIS A 275 -11.57 -15.82 14.01
N ASN A 276 -10.67 -16.76 13.69
CA ASN A 276 -9.45 -16.45 12.97
C ASN A 276 -9.79 -16.41 11.49
N GLU A 277 -9.81 -15.21 10.92
CA GLU A 277 -10.14 -15.05 9.52
C GLU A 277 -9.21 -15.68 8.49
N SER A 278 -7.91 -15.74 8.80
CA SER A 278 -6.92 -16.32 7.88
C SER A 278 -7.22 -17.74 7.48
N ALA A 279 -7.54 -18.57 8.45
CA ALA A 279 -7.84 -19.98 8.15
C ALA A 279 -9.10 -20.07 7.30
N TRP A 280 -10.02 -19.15 7.52
CA TRP A 280 -11.26 -19.12 6.75
C TRP A 280 -10.99 -18.71 5.31
N ASN A 281 -10.14 -17.70 5.15
CA ASN A 281 -9.76 -17.20 3.84
C ASN A 281 -8.94 -18.21 3.08
N TYR A 282 -8.19 -19.02 3.81
CA TYR A 282 -7.38 -20.04 3.18
C TYR A 282 -8.24 -21.19 2.71
N LEU A 283 -9.21 -21.59 3.52
CA LEU A 283 -10.14 -22.68 3.18
C LEU A 283 -10.91 -22.34 1.90
N LYS A 284 -11.34 -21.08 1.82
CA LYS A 284 -12.07 -20.57 0.69
C LYS A 284 -11.14 -20.50 -0.52
N GLY A 285 -9.98 -19.87 -0.32
CA GLY A 285 -9.01 -19.72 -1.39
C GLY A 285 -8.59 -21.00 -2.11
N ILE A 286 -8.38 -22.09 -1.39
CA ILE A 286 -7.98 -23.36 -2.02
C ILE A 286 -9.10 -24.24 -2.63
N LEU A 287 -10.36 -23.97 -2.26
CA LEU A 287 -11.51 -24.74 -2.78
C LEU A 287 -12.26 -23.96 -3.84
N GLN A 288 -12.24 -22.63 -3.67
CA GLN A 288 -12.90 -21.68 -4.55
C GLN A 288 -12.47 -21.92 -5.98
N ASP A 289 -11.27 -22.47 -6.14
CA ASP A 289 -10.72 -22.77 -7.46
C ASP A 289 -11.70 -23.59 -8.29
N ARG A 290 -11.87 -24.88 -7.94
CA ARG A 290 -12.76 -25.77 -8.65
C ARG A 290 -14.25 -25.48 -8.44
N GLY A 291 -14.57 -24.63 -7.46
CA GLY A 291 -15.95 -24.29 -7.16
C GLY A 291 -16.37 -24.98 -5.88
N LEU A 292 -16.80 -24.19 -4.89
CA LEU A 292 -17.24 -24.72 -3.59
C LEU A 292 -18.37 -25.77 -3.67
N SER A 293 -19.26 -25.62 -4.66
CA SER A 293 -20.37 -26.55 -4.86
C SER A 293 -19.88 -27.93 -5.31
N ARG A 294 -18.63 -28.00 -5.75
CA ARG A 294 -18.01 -29.23 -6.19
C ARG A 294 -17.76 -30.17 -4.99
N TYR A 295 -17.86 -29.61 -3.79
CA TYR A 295 -17.63 -30.35 -2.55
C TYR A 295 -18.91 -30.42 -1.73
N PRO A 296 -19.78 -31.41 -2.02
CA PRO A 296 -21.07 -31.60 -1.34
C PRO A 296 -21.04 -31.79 0.19
N ASN A 297 -20.04 -32.49 0.72
CA ASN A 297 -19.92 -32.71 2.18
C ASN A 297 -19.61 -31.45 2.98
N LEU A 298 -18.86 -30.54 2.37
CA LEU A 298 -18.44 -29.32 3.03
C LEU A 298 -19.56 -28.45 3.62
N LEU A 299 -20.67 -28.29 2.92
CA LEU A 299 -21.76 -27.47 3.42
C LEU A 299 -22.25 -28.06 4.74
N ASN A 300 -22.41 -29.38 4.75
CA ASN A 300 -22.89 -30.09 5.92
C ASN A 300 -21.97 -29.93 7.10
N GLN A 301 -20.70 -30.21 6.87
CA GLN A 301 -19.69 -30.14 7.92
C GLN A 301 -19.57 -28.78 8.58
N LEU A 302 -19.88 -27.71 7.85
CA LEU A 302 -19.81 -26.37 8.40
C LEU A 302 -21.14 -26.00 9.04
N LEU A 303 -22.20 -26.59 8.50
CA LEU A 303 -23.55 -26.35 9.00
C LEU A 303 -23.65 -26.97 10.38
N ASP A 304 -22.71 -27.85 10.67
CA ASP A 304 -22.63 -28.54 11.96
C ASP A 304 -21.96 -27.64 13.00
N LEU A 305 -21.07 -26.76 12.55
CA LEU A 305 -20.40 -25.86 13.48
C LEU A 305 -21.31 -24.67 13.80
N GLN A 306 -22.48 -24.65 13.15
CA GLN A 306 -23.47 -23.60 13.34
C GLN A 306 -23.75 -23.17 14.77
N PRO A 307 -23.72 -24.12 15.73
CA PRO A 307 -23.98 -23.70 17.11
C PRO A 307 -22.67 -23.53 17.88
N SER A 308 -21.79 -24.51 17.72
CA SER A 308 -20.51 -24.53 18.39
C SER A 308 -19.52 -23.45 17.93
N HIS A 309 -19.04 -23.55 16.69
CA HIS A 309 -18.09 -22.58 16.16
C HIS A 309 -18.75 -21.73 15.08
N SER A 310 -19.71 -20.91 15.50
CA SER A 310 -20.48 -20.07 14.56
C SER A 310 -20.16 -18.58 14.49
N SER A 311 -19.03 -18.24 13.88
CA SER A 311 -18.65 -16.84 13.71
C SER A 311 -19.30 -16.29 12.43
N PRO A 312 -19.15 -14.98 12.17
CA PRO A 312 -19.77 -14.45 10.93
C PRO A 312 -19.01 -14.93 9.67
N TYR A 313 -17.90 -15.67 9.88
CA TYR A 313 -17.10 -16.22 8.78
C TYR A 313 -17.77 -17.47 8.28
N LEU A 314 -18.33 -18.23 9.21
CA LEU A 314 -19.03 -19.46 8.86
C LEU A 314 -20.28 -19.06 8.05
N ILE A 315 -21.00 -18.03 8.53
CA ILE A 315 -22.22 -17.55 7.88
C ILE A 315 -21.85 -17.11 6.47
N ALA A 316 -20.88 -16.21 6.39
CA ALA A 316 -20.41 -15.70 5.11
C ALA A 316 -19.96 -16.86 4.21
N PHE A 317 -19.32 -17.87 4.79
CA PHE A 317 -18.86 -19.00 3.99
C PHE A 317 -20.02 -19.75 3.39
N LEU A 318 -21.12 -19.89 4.15
CA LEU A 318 -22.33 -20.60 3.68
C LEU A 318 -22.96 -19.86 2.49
N VAL A 319 -23.00 -18.53 2.55
CA VAL A 319 -23.53 -17.71 1.47
C VAL A 319 -22.64 -17.91 0.25
N ASP A 320 -21.34 -18.16 0.48
CA ASP A 320 -20.38 -18.41 -0.60
C ASP A 320 -20.65 -19.77 -1.27
N ILE A 321 -20.90 -20.81 -0.47
CA ILE A 321 -21.19 -22.12 -1.03
C ILE A 321 -22.51 -22.07 -1.80
N TYR A 322 -23.47 -21.28 -1.31
CA TYR A 322 -24.78 -21.15 -1.95
C TYR A 322 -24.65 -20.45 -3.29
N GLU A 323 -23.92 -19.34 -3.31
CA GLU A 323 -23.71 -18.57 -4.54
C GLU A 323 -23.21 -19.48 -5.64
N ASP A 324 -22.30 -20.40 -5.29
CA ASP A 324 -21.74 -21.31 -6.29
C ASP A 324 -22.66 -22.45 -6.70
N MET A 325 -23.54 -22.86 -5.79
CA MET A 325 -24.51 -23.93 -6.06
C MET A 325 -25.51 -23.39 -7.06
N LEU A 326 -25.98 -22.18 -6.82
CA LEU A 326 -26.95 -21.53 -7.70
C LEU A 326 -26.40 -21.35 -9.10
N GLU A 327 -25.10 -21.04 -9.19
CA GLU A 327 -24.44 -20.86 -10.49
C GLU A 327 -24.18 -22.20 -11.18
N ASN A 328 -24.10 -23.28 -10.39
CA ASN A 328 -23.84 -24.60 -10.95
C ASN A 328 -25.00 -25.56 -11.00
N GLN A 329 -26.18 -25.02 -11.30
CA GLN A 329 -27.42 -25.77 -11.44
C GLN A 329 -27.71 -26.77 -10.32
N CYS A 330 -27.81 -26.25 -9.09
CA CYS A 330 -28.05 -27.07 -7.90
C CYS A 330 -29.51 -27.45 -7.73
N ASP A 331 -29.73 -28.51 -6.96
CA ASP A 331 -31.09 -28.98 -6.65
C ASP A 331 -31.69 -27.98 -5.65
N ASN A 332 -33.01 -27.79 -5.69
CA ASN A 332 -33.72 -26.90 -4.77
C ASN A 332 -33.33 -25.42 -4.90
N LYS A 333 -33.10 -24.95 -6.12
CA LYS A 333 -32.71 -23.56 -6.34
C LYS A 333 -33.53 -22.48 -5.62
N GLU A 334 -34.85 -22.63 -5.59
CA GLU A 334 -35.73 -21.66 -4.93
C GLU A 334 -35.40 -21.67 -3.44
N ASP A 335 -35.20 -22.88 -2.92
CA ASP A 335 -34.89 -23.10 -1.52
C ASP A 335 -33.52 -22.53 -1.14
N ILE A 336 -32.47 -23.00 -1.81
CA ILE A 336 -31.10 -22.54 -1.60
C ILE A 336 -31.01 -21.03 -1.67
N LEU A 337 -31.65 -20.44 -2.67
CA LEU A 337 -31.64 -19.00 -2.83
C LEU A 337 -32.16 -18.28 -1.59
N ASN A 338 -33.24 -18.79 -1.02
CA ASN A 338 -33.83 -18.14 0.15
C ASN A 338 -32.89 -18.15 1.35
N LYS A 339 -32.25 -19.29 1.58
CA LYS A 339 -31.30 -19.44 2.69
C LYS A 339 -30.19 -18.42 2.54
N ALA A 340 -29.58 -18.40 1.35
CA ALA A 340 -28.51 -17.47 1.05
C ALA A 340 -28.97 -16.00 1.17
N LEU A 341 -30.21 -15.73 0.82
CA LEU A 341 -30.73 -14.36 0.91
C LEU A 341 -31.04 -14.00 2.36
N GLU A 342 -31.40 -15.03 3.12
CA GLU A 342 -31.71 -14.87 4.54
C GLU A 342 -30.43 -14.50 5.30
N LEU A 343 -29.36 -15.24 5.00
CA LEU A 343 -28.06 -15.05 5.60
C LEU A 343 -27.49 -13.68 5.25
N CYS A 344 -27.75 -13.20 4.04
CA CYS A 344 -27.28 -11.89 3.60
C CYS A 344 -27.95 -10.77 4.40
N GLU A 345 -29.19 -11.01 4.83
CA GLU A 345 -29.88 -9.99 5.59
C GLU A 345 -29.46 -10.05 7.03
N ILE A 346 -29.28 -11.27 7.54
CA ILE A 346 -28.83 -11.43 8.91
C ILE A 346 -27.46 -10.75 9.01
N LEU A 347 -26.59 -11.01 8.03
CA LEU A 347 -25.26 -10.41 7.99
C LEU A 347 -25.34 -8.90 7.86
N ALA A 348 -26.15 -8.42 6.92
CA ALA A 348 -26.28 -6.99 6.68
C ALA A 348 -26.89 -6.21 7.83
N LYS A 349 -27.89 -6.79 8.46
CA LYS A 349 -28.59 -6.15 9.57
C LYS A 349 -28.05 -6.44 10.95
N GLU A 350 -27.61 -7.69 11.16
CA GLU A 350 -27.14 -8.11 12.47
C GLU A 350 -25.68 -8.53 12.70
N LYS A 351 -25.26 -9.61 12.05
CA LYS A 351 -23.94 -10.19 12.22
C LYS A 351 -22.69 -9.52 11.66
N ASP A 352 -22.81 -8.78 10.58
CA ASP A 352 -21.64 -8.19 9.95
C ASP A 352 -22.04 -6.90 9.26
N THR A 353 -22.64 -6.03 10.06
CA THR A 353 -23.15 -4.74 9.60
C THR A 353 -22.13 -3.77 8.99
N ILE A 354 -20.86 -3.91 9.38
CA ILE A 354 -19.79 -3.03 8.86
C ILE A 354 -19.75 -3.19 7.33
N ARG A 355 -20.11 -4.40 6.88
CA ARG A 355 -20.16 -4.77 5.48
C ARG A 355 -21.61 -4.81 4.90
N LYS A 356 -22.54 -4.09 5.54
CA LYS A 356 -23.94 -4.08 5.09
C LYS A 356 -24.11 -3.79 3.60
N GLU A 357 -23.41 -2.77 3.07
CA GLU A 357 -23.50 -2.43 1.64
C GLU A 357 -23.06 -3.59 0.73
N TYR A 358 -22.07 -4.34 1.18
CA TYR A 358 -21.57 -5.48 0.43
C TYR A 358 -22.59 -6.61 0.42
N TRP A 359 -23.02 -7.00 1.63
CA TRP A 359 -23.99 -8.09 1.80
C TRP A 359 -25.34 -7.81 1.14
N ARG A 360 -25.71 -6.54 1.05
CA ARG A 360 -26.95 -6.16 0.39
C ARG A 360 -26.74 -6.33 -1.10
N TYR A 361 -25.59 -5.87 -1.57
CA TYR A 361 -25.22 -6.00 -2.97
C TYR A 361 -25.33 -7.46 -3.33
N ILE A 362 -24.78 -8.31 -2.47
CA ILE A 362 -24.82 -9.76 -2.69
C ILE A 362 -26.26 -10.25 -2.80
N GLY A 363 -27.12 -9.81 -1.87
CA GLY A 363 -28.51 -10.23 -1.86
C GLY A 363 -29.21 -9.84 -3.15
N ARG A 364 -29.05 -8.57 -3.50
CA ARG A 364 -29.64 -8.02 -4.71
C ARG A 364 -29.15 -8.81 -5.92
N SER A 365 -27.83 -8.93 -6.04
CA SER A 365 -27.15 -9.63 -7.11
C SER A 365 -27.64 -11.09 -7.24
N LEU A 366 -27.86 -11.75 -6.11
CA LEU A 366 -28.32 -13.13 -6.07
C LEU A 366 -29.76 -13.24 -6.59
N GLN A 367 -30.57 -12.23 -6.29
CA GLN A 367 -31.93 -12.19 -6.74
C GLN A 367 -31.94 -11.98 -8.24
N SER A 368 -31.37 -10.86 -8.68
CA SER A 368 -31.34 -10.53 -10.09
C SER A 368 -30.91 -11.71 -10.96
N LYS A 369 -30.04 -12.55 -10.43
CA LYS A 369 -29.55 -13.71 -11.16
C LYS A 369 -30.42 -14.96 -11.06
N HIS A 370 -30.69 -15.40 -9.83
CA HIS A 370 -31.43 -16.63 -9.61
C HIS A 370 -32.89 -16.55 -9.17
N SER A 371 -33.56 -15.46 -9.51
CA SER A 371 -34.97 -15.26 -9.15
C SER A 371 -35.87 -16.48 -9.42
N LEU B 23 -23.94 8.51 15.86
CA LEU B 23 -22.59 7.93 15.59
C LEU B 23 -22.58 6.42 15.72
N TYR B 24 -22.44 5.76 14.58
CA TYR B 24 -22.40 4.32 14.48
C TYR B 24 -21.44 3.68 15.51
N SER B 25 -20.27 4.30 15.67
CA SER B 25 -19.21 3.85 16.57
C SER B 25 -19.59 3.93 18.04
N LEU B 26 -20.42 4.91 18.37
CA LEU B 26 -20.87 5.12 19.73
C LEU B 26 -22.13 4.34 20.14
N ARG B 27 -22.74 3.60 19.22
CA ARG B 27 -23.92 2.81 19.58
C ARG B 27 -23.54 1.69 20.54
N PRO B 28 -24.46 1.33 21.46
CA PRO B 28 -24.28 0.29 22.47
C PRO B 28 -24.01 -1.07 21.89
N GLU B 29 -24.73 -1.39 20.84
CA GLU B 29 -24.57 -2.68 20.18
C GLU B 29 -23.20 -2.78 19.49
N HIS B 30 -22.51 -1.64 19.37
CA HIS B 30 -21.19 -1.58 18.74
C HIS B 30 -20.13 -2.28 19.58
N ALA B 31 -20.35 -2.35 20.88
CA ALA B 31 -19.41 -3.01 21.78
C ALA B 31 -19.31 -4.50 21.47
N ARG B 32 -20.32 -5.02 20.77
CA ARG B 32 -20.34 -6.42 20.41
C ARG B 32 -19.37 -6.75 19.28
N GLU B 33 -18.85 -5.70 18.64
CA GLU B 33 -17.90 -5.86 17.56
C GLU B 33 -16.47 -6.03 18.04
N ARG B 34 -16.28 -6.05 19.36
CA ARG B 34 -14.96 -6.24 19.96
C ARG B 34 -14.42 -7.63 19.66
N LEU B 35 -13.10 -7.72 19.51
CA LEU B 35 -12.42 -8.97 19.19
C LEU B 35 -12.82 -10.16 20.04
N GLN B 36 -12.97 -11.32 19.40
CA GLN B 36 -13.26 -12.55 20.10
C GLN B 36 -12.07 -13.45 19.82
N ASP B 37 -11.13 -13.48 20.78
CA ASP B 37 -9.90 -14.25 20.65
C ASP B 37 -10.01 -15.75 20.92
N ASP B 38 -11.23 -16.24 21.13
CA ASP B 38 -11.52 -17.67 21.36
C ASP B 38 -10.68 -18.24 22.49
N SER B 39 -10.21 -17.39 23.38
CA SER B 39 -9.34 -17.81 24.47
C SER B 39 -8.06 -18.47 23.98
N VAL B 40 -7.55 -17.99 22.86
CA VAL B 40 -6.30 -18.45 22.28
C VAL B 40 -5.59 -17.16 21.87
N GLU B 41 -4.74 -16.65 22.77
CA GLU B 41 -4.01 -15.43 22.48
C GLU B 41 -2.73 -15.70 21.71
N THR B 42 -2.45 -14.82 20.76
CA THR B 42 -1.22 -14.89 19.97
C THR B 42 -0.81 -13.45 19.77
N VAL B 43 0.38 -13.21 19.23
CA VAL B 43 0.82 -11.85 19.01
C VAL B 43 -0.25 -11.02 18.29
N THR B 44 -0.91 -11.63 17.31
CA THR B 44 -1.93 -10.96 16.51
C THR B 44 -3.15 -10.47 17.31
N SER B 45 -3.73 -11.36 18.13
CA SER B 45 -4.90 -11.03 18.93
C SER B 45 -4.57 -10.04 20.04
N ILE B 46 -3.37 -10.15 20.60
CA ILE B 46 -2.90 -9.26 21.64
C ILE B 46 -2.71 -7.84 21.15
N GLU B 47 -2.15 -7.70 19.95
CA GLU B 47 -1.91 -6.37 19.40
C GLU B 47 -3.21 -5.71 18.96
N GLN B 48 -4.12 -6.53 18.42
CA GLN B 48 -5.43 -6.06 17.98
C GLN B 48 -6.21 -5.53 19.20
N ALA B 49 -6.23 -6.33 20.27
CA ALA B 49 -6.93 -5.99 21.53
C ALA B 49 -6.41 -4.70 22.11
N LYS B 50 -5.09 -4.52 22.08
CA LYS B 50 -4.51 -3.29 22.58
C LYS B 50 -5.06 -2.11 21.78
N VAL B 51 -5.21 -2.31 20.47
CA VAL B 51 -5.72 -1.24 19.60
C VAL B 51 -7.18 -0.93 19.88
N GLU B 52 -8.02 -1.95 19.94
CA GLU B 52 -9.43 -1.76 20.20
C GLU B 52 -9.61 -1.09 21.53
N GLU B 53 -8.77 -1.45 22.51
CA GLU B 53 -8.80 -0.86 23.82
C GLU B 53 -8.60 0.65 23.74
N LYS B 54 -7.56 1.06 23.02
CA LYS B 54 -7.27 2.47 22.88
C LYS B 54 -8.35 3.22 22.11
N ILE B 55 -8.93 2.56 21.10
CA ILE B 55 -9.97 3.15 20.25
C ILE B 55 -11.26 3.36 21.06
N GLN B 56 -11.60 2.37 21.87
CA GLN B 56 -12.78 2.42 22.73
C GLN B 56 -12.70 3.60 23.69
N GLU B 57 -11.50 3.86 24.21
CA GLU B 57 -11.31 4.96 25.12
C GLU B 57 -11.60 6.25 24.40
N VAL B 58 -11.19 6.33 23.14
CA VAL B 58 -11.44 7.53 22.34
C VAL B 58 -12.94 7.67 22.07
N PHE B 59 -13.60 6.56 21.71
CA PHE B 59 -15.03 6.56 21.41
C PHE B 59 -15.84 7.05 22.61
N SER B 60 -15.49 6.56 23.79
CA SER B 60 -16.17 6.91 25.04
C SER B 60 -15.74 8.22 25.69
N SER B 61 -14.70 8.87 25.16
CA SER B 61 -14.22 10.10 25.75
C SER B 61 -15.34 11.09 25.97
N TYR B 62 -16.28 11.13 25.04
CA TYR B 62 -17.43 12.05 25.13
C TYR B 62 -18.28 11.74 26.36
N LYS B 63 -18.69 10.49 26.48
CA LYS B 63 -19.49 9.97 27.56
C LYS B 63 -18.89 10.37 28.88
N PHE B 64 -17.64 9.99 29.10
CA PHE B 64 -16.94 10.30 30.36
C PHE B 64 -16.74 11.79 30.65
N ASN B 65 -16.83 12.63 29.63
CA ASN B 65 -16.64 14.07 29.82
C ASN B 65 -17.92 14.87 29.81
N HIS B 66 -19.00 14.21 29.43
CA HIS B 66 -20.33 14.81 29.41
C HIS B 66 -20.48 16.00 28.52
N LEU B 67 -20.16 15.80 27.26
CA LEU B 67 -20.32 16.84 26.26
C LEU B 67 -21.02 16.15 25.10
N VAL B 68 -21.52 16.92 24.14
CA VAL B 68 -22.13 16.30 22.98
C VAL B 68 -21.02 16.16 21.95
N PRO B 69 -20.84 14.93 21.38
CA PRO B 69 -19.81 14.67 20.37
C PRO B 69 -19.96 15.62 19.19
N ARG B 70 -18.87 16.25 18.81
CA ARG B 70 -18.87 17.17 17.69
C ARG B 70 -17.79 16.67 16.76
N LEU B 71 -18.20 16.01 15.70
CA LEU B 71 -17.20 15.54 14.76
C LEU B 71 -16.84 16.72 13.90
N VAL B 72 -15.71 17.34 14.24
CA VAL B 72 -15.22 18.50 13.54
C VAL B 72 -13.85 18.25 12.92
N LEU B 73 -13.70 18.60 11.65
CA LEU B 73 -12.43 18.45 11.00
C LEU B 73 -11.67 19.74 11.25
N GLN B 74 -10.59 19.65 11.99
CA GLN B 74 -9.76 20.80 12.34
C GLN B 74 -9.05 21.44 11.15
N ARG B 75 -9.85 21.98 10.24
CA ARG B 75 -9.35 22.60 9.03
C ARG B 75 -8.27 23.62 9.19
N GLU B 76 -8.43 24.53 10.13
CA GLU B 76 -7.42 25.58 10.30
C GLU B 76 -6.13 25.05 10.88
N LYS B 77 -6.25 24.04 11.74
CA LYS B 77 -5.09 23.40 12.36
C LYS B 77 -4.29 22.69 11.25
N HIS B 78 -5.01 21.92 10.44
CA HIS B 78 -4.46 21.17 9.32
C HIS B 78 -3.83 22.12 8.32
N PHE B 79 -4.49 23.24 8.09
CA PHE B 79 -3.99 24.23 7.15
C PHE B 79 -2.65 24.90 7.55
N HIS B 80 -2.49 25.32 8.80
CA HIS B 80 -1.23 25.96 9.23
C HIS B 80 -0.09 24.97 9.08
N TYR B 81 -0.37 23.73 9.52
CA TYR B 81 0.59 22.63 9.46
C TYR B 81 1.08 22.44 8.01
N LEU B 82 0.11 22.34 7.10
CA LEU B 82 0.38 22.12 5.68
C LEU B 82 1.07 23.29 5.01
N LYS B 83 0.50 24.48 5.15
CA LYS B 83 1.07 25.68 4.53
C LYS B 83 2.50 25.92 5.01
N ARG B 84 2.78 25.54 6.25
CA ARG B 84 4.11 25.72 6.80
C ARG B 84 5.08 24.63 6.27
N GLY B 85 4.60 23.38 6.26
CA GLY B 85 5.42 22.29 5.75
C GLY B 85 5.77 22.45 4.27
N LEU B 86 4.93 23.17 3.53
CA LEU B 86 5.15 23.41 2.12
C LEU B 86 6.38 24.26 1.84
N ARG B 87 6.85 25.01 2.84
CA ARG B 87 8.04 25.85 2.67
C ARG B 87 9.28 25.28 3.34
N GLN B 88 9.12 24.79 4.57
CA GLN B 88 10.25 24.22 5.29
C GLN B 88 9.84 23.15 6.29
N LEU B 89 10.79 22.27 6.58
CA LEU B 89 10.54 21.15 7.48
C LEU B 89 11.75 20.98 8.39
N THR B 90 11.50 20.41 9.57
CA THR B 90 12.57 20.15 10.52
C THR B 90 13.46 19.01 10.02
N ASP B 91 14.57 18.81 10.70
CA ASP B 91 15.49 17.74 10.33
C ASP B 91 14.86 16.37 10.57
N ALA B 92 13.65 16.35 11.12
CA ALA B 92 12.93 15.10 11.35
C ALA B 92 12.59 14.50 10.00
N TYR B 93 12.58 15.36 8.99
CA TYR B 93 12.27 14.97 7.62
C TYR B 93 13.47 14.55 6.80
N GLU B 94 14.62 14.41 7.45
CA GLU B 94 15.82 13.99 6.74
C GLU B 94 15.62 12.61 6.10
N CYS B 95 14.75 11.80 6.70
CA CYS B 95 14.45 10.47 6.17
C CYS B 95 13.61 10.55 4.91
N LEU B 96 13.19 11.74 4.55
CA LEU B 96 12.39 11.97 3.36
C LEU B 96 13.09 12.91 2.40
N ASP B 97 14.42 13.00 2.55
CA ASP B 97 15.24 13.85 1.68
C ASP B 97 15.27 13.32 0.22
N ALA B 98 14.84 12.08 0.03
CA ALA B 98 14.79 11.46 -1.29
C ALA B 98 13.33 11.26 -1.73
N SER B 99 12.41 11.98 -1.08
CA SER B 99 10.96 11.94 -1.37
C SER B 99 10.38 13.33 -1.43
N ARG B 100 11.18 14.31 -1.87
CA ARG B 100 10.72 15.69 -1.91
C ARG B 100 9.55 15.95 -2.86
N PRO B 101 9.53 15.29 -4.03
CA PRO B 101 8.37 15.54 -4.88
C PRO B 101 7.13 14.95 -4.15
N TRP B 102 7.32 13.95 -3.30
CA TRP B 102 6.20 13.38 -2.55
C TRP B 102 5.69 14.37 -1.52
N LEU B 103 6.60 15.02 -0.82
CA LEU B 103 6.18 16.00 0.16
C LEU B 103 5.35 17.10 -0.54
N CYS B 104 5.75 17.50 -1.76
CA CYS B 104 5.00 18.51 -2.52
C CYS B 104 3.62 17.95 -2.82
N TYR B 105 3.55 16.74 -3.37
CA TYR B 105 2.27 16.16 -3.71
C TYR B 105 1.35 16.02 -2.52
N TRP B 106 1.88 15.40 -1.46
CA TRP B 106 1.11 15.16 -0.23
C TRP B 106 0.52 16.46 0.32
N ILE B 107 1.33 17.50 0.35
CA ILE B 107 0.90 18.79 0.89
C ILE B 107 -0.06 19.52 -0.05
N LEU B 108 0.34 19.67 -1.32
CA LEU B 108 -0.50 20.33 -2.29
C LEU B 108 -1.84 19.64 -2.44
N HIS B 109 -1.88 18.32 -2.29
CA HIS B 109 -3.14 17.59 -2.43
C HIS B 109 -3.97 17.74 -1.17
N SER B 110 -3.32 17.84 -0.03
CA SER B 110 -4.04 18.02 1.22
C SER B 110 -4.67 19.42 1.21
N LEU B 111 -3.91 20.42 0.78
CA LEU B 111 -4.43 21.77 0.70
C LEU B 111 -5.60 21.78 -0.29
N GLU B 112 -5.48 21.02 -1.38
CA GLU B 112 -6.53 20.93 -2.41
C GLU B 112 -7.84 20.30 -1.90
N LEU B 113 -7.74 19.30 -1.05
CA LEU B 113 -8.93 18.67 -0.49
C LEU B 113 -9.61 19.63 0.51
N LEU B 114 -8.80 20.46 1.16
CA LEU B 114 -9.27 21.43 2.14
C LEU B 114 -9.71 22.73 1.45
N ASP B 115 -9.75 22.70 0.12
CA ASP B 115 -10.16 23.87 -0.67
C ASP B 115 -9.22 25.08 -0.52
N GLU B 116 -8.05 24.88 0.08
CA GLU B 116 -7.09 25.95 0.26
C GLU B 116 -6.39 26.19 -1.05
N PRO B 117 -6.20 27.46 -1.41
CA PRO B 117 -5.55 27.89 -2.66
C PRO B 117 -4.04 27.93 -2.66
N ILE B 118 -3.48 27.90 -3.87
CA ILE B 118 -2.03 27.94 -4.10
C ILE B 118 -1.71 29.27 -4.75
N PRO B 119 -1.12 30.20 -3.97
CA PRO B 119 -0.75 31.50 -4.51
C PRO B 119 0.12 31.26 -5.71
N GLN B 120 -0.13 32.02 -6.77
CA GLN B 120 0.60 31.90 -8.02
C GLN B 120 2.11 31.91 -7.80
N ILE B 121 2.54 32.53 -6.70
CA ILE B 121 3.95 32.61 -6.35
C ILE B 121 4.44 31.27 -5.74
N VAL B 122 3.61 30.65 -4.91
CA VAL B 122 4.00 29.37 -4.31
C VAL B 122 4.06 28.34 -5.44
N ALA B 123 3.00 28.31 -6.26
CA ALA B 123 2.89 27.41 -7.39
C ALA B 123 4.12 27.50 -8.31
N THR B 124 4.54 28.73 -8.64
CA THR B 124 5.70 28.89 -9.50
C THR B 124 6.96 28.35 -8.83
N ASP B 125 7.04 28.51 -7.51
CA ASP B 125 8.20 28.02 -6.74
C ASP B 125 8.24 26.48 -6.75
N VAL B 126 7.08 25.88 -6.61
CA VAL B 126 6.96 24.43 -6.64
C VAL B 126 7.37 23.94 -8.02
N CYS B 127 6.88 24.62 -9.06
CA CYS B 127 7.20 24.26 -10.44
C CYS B 127 8.70 24.27 -10.67
N GLN B 128 9.35 25.33 -10.21
CA GLN B 128 10.79 25.47 -10.36
C GLN B 128 11.58 24.42 -9.59
N PHE B 129 11.09 24.03 -8.44
CA PHE B 129 11.76 23.03 -7.63
C PHE B 129 11.68 21.68 -8.36
N LEU B 130 10.48 21.31 -8.79
CA LEU B 130 10.32 20.06 -9.53
C LEU B 130 11.16 20.03 -10.80
N GLU B 131 11.41 21.21 -11.39
CA GLU B 131 12.27 21.29 -12.58
C GLU B 131 13.66 20.81 -12.20
N LEU B 132 14.12 21.14 -10.99
CA LEU B 132 15.43 20.75 -10.46
C LEU B 132 15.49 19.25 -10.13
N CYS B 133 14.33 18.68 -9.81
CA CYS B 133 14.24 17.27 -9.50
C CYS B 133 14.15 16.45 -10.79
N GLN B 134 13.76 17.08 -11.90
CA GLN B 134 13.64 16.38 -13.16
C GLN B 134 14.99 15.98 -13.76
N SER B 135 15.09 14.74 -14.23
CA SER B 135 16.32 14.26 -14.81
C SER B 135 16.45 14.56 -16.31
N PRO B 136 17.68 14.80 -16.79
CA PRO B 136 17.85 15.08 -18.21
C PRO B 136 17.47 13.84 -19.03
N ASP B 137 17.35 12.71 -18.35
CA ASP B 137 16.97 11.44 -18.96
C ASP B 137 15.48 11.11 -18.85
N GLY B 138 14.69 12.08 -18.38
CA GLY B 138 13.27 11.89 -18.21
C GLY B 138 12.94 11.41 -16.79
N GLY B 139 11.73 11.68 -16.33
CA GLY B 139 11.37 11.28 -14.98
C GLY B 139 11.95 12.21 -13.93
N PHE B 140 11.52 12.03 -12.68
CA PHE B 140 11.98 12.89 -11.60
C PHE B 140 12.68 12.12 -10.47
N GLY B 141 13.71 12.73 -9.88
CA GLY B 141 14.41 12.12 -8.77
C GLY B 141 13.75 12.60 -7.48
N GLY B 142 14.15 12.06 -6.33
CA GLY B 142 13.55 12.50 -5.07
C GLY B 142 14.03 13.84 -4.54
N GLY B 143 14.87 14.52 -5.31
CA GLY B 143 15.39 15.82 -4.90
C GLY B 143 16.29 16.36 -5.99
N PRO B 144 16.76 17.62 -5.88
CA PRO B 144 17.62 18.20 -6.90
C PRO B 144 18.89 17.39 -7.15
N GLY B 145 19.00 16.83 -8.35
CA GLY B 145 20.17 16.05 -8.72
C GLY B 145 20.15 14.56 -8.41
N GLN B 146 19.02 14.08 -7.90
CA GLN B 146 18.94 12.67 -7.61
C GLN B 146 18.54 11.91 -8.88
N TYR B 147 19.00 10.66 -9.01
CA TYR B 147 18.62 9.84 -10.15
C TYR B 147 17.10 9.71 -10.15
N PRO B 148 16.48 9.58 -11.34
CA PRO B 148 15.02 9.46 -11.42
C PRO B 148 14.52 8.13 -10.89
N HIS B 149 13.29 8.14 -10.39
CA HIS B 149 12.69 6.96 -9.79
C HIS B 149 11.19 7.15 -10.10
N LEU B 150 10.47 6.06 -10.30
CA LEU B 150 9.05 6.16 -10.63
C LEU B 150 8.15 6.73 -9.52
N ALA B 151 8.48 6.49 -8.24
CA ALA B 151 7.65 7.02 -7.16
C ALA B 151 7.68 8.56 -7.17
N PRO B 152 8.86 9.20 -7.12
CA PRO B 152 8.86 10.68 -7.17
C PRO B 152 8.40 11.25 -8.53
N THR B 153 8.49 10.44 -9.59
CA THR B 153 8.02 10.86 -10.93
C THR B 153 6.49 10.95 -10.87
N TYR B 154 5.84 9.95 -10.27
CA TYR B 154 4.39 9.96 -10.12
C TYR B 154 3.95 11.17 -9.27
N ALA B 155 4.66 11.39 -8.17
CA ALA B 155 4.38 12.50 -7.26
C ALA B 155 4.59 13.86 -7.91
N ALA B 156 5.69 13.99 -8.65
CA ALA B 156 6.01 15.23 -9.32
C ALA B 156 4.95 15.54 -10.34
N VAL B 157 4.57 14.56 -11.14
CA VAL B 157 3.55 14.80 -12.15
C VAL B 157 2.18 15.10 -11.52
N ASN B 158 1.81 14.38 -10.47
CA ASN B 158 0.52 14.63 -9.83
C ASN B 158 0.49 16.04 -9.23
N ALA B 159 1.63 16.45 -8.65
CA ALA B 159 1.76 17.76 -8.05
C ALA B 159 1.56 18.84 -9.13
N LEU B 160 2.32 18.74 -10.22
CA LEU B 160 2.21 19.68 -11.34
C LEU B 160 0.78 19.75 -11.91
N CYS B 161 0.02 18.65 -11.81
CA CYS B 161 -1.35 18.63 -12.31
C CYS B 161 -2.32 19.31 -11.37
N ILE B 162 -2.03 19.24 -10.07
CA ILE B 162 -2.86 19.89 -9.06
C ILE B 162 -2.73 21.41 -9.26
N ILE B 163 -1.51 21.86 -9.54
CA ILE B 163 -1.24 23.26 -9.81
C ILE B 163 -1.96 23.58 -11.13
N GLY B 164 -1.77 22.73 -12.15
CA GLY B 164 -2.47 22.90 -13.41
C GLY B 164 -2.26 24.14 -14.27
N THR B 165 -1.10 24.77 -14.19
CA THR B 165 -0.85 25.94 -15.04
C THR B 165 -0.07 25.46 -16.25
N GLU B 166 0.01 26.32 -17.26
CA GLU B 166 0.76 25.99 -18.46
C GLU B 166 2.20 25.89 -18.05
N GLU B 167 2.58 26.71 -17.07
CA GLU B 167 3.94 26.71 -16.55
C GLU B 167 4.22 25.33 -15.99
N ALA B 168 3.30 24.84 -15.17
CA ALA B 168 3.42 23.52 -14.54
C ALA B 168 3.50 22.42 -15.58
N TYR B 169 2.51 22.39 -16.48
CA TYR B 169 2.46 21.39 -17.52
C TYR B 169 3.76 21.36 -18.33
N ASN B 170 4.31 22.55 -18.62
CA ASN B 170 5.52 22.65 -19.42
C ASN B 170 6.78 22.16 -18.75
N VAL B 171 6.73 22.00 -17.43
CA VAL B 171 7.89 21.51 -16.69
C VAL B 171 8.25 20.12 -17.20
N ILE B 172 7.23 19.29 -17.41
CA ILE B 172 7.43 17.91 -17.84
C ILE B 172 7.95 17.72 -19.27
N ASN B 173 9.13 17.12 -19.38
CA ASN B 173 9.73 16.82 -20.68
C ASN B 173 9.15 15.46 -21.09
N ARG B 174 8.11 15.51 -21.92
CA ARG B 174 7.40 14.32 -22.37
C ARG B 174 8.16 13.33 -23.25
N GLU B 175 9.11 13.80 -24.04
CA GLU B 175 9.85 12.89 -24.89
C GLU B 175 10.81 12.09 -24.04
N LYS B 176 11.44 12.77 -23.09
CA LYS B 176 12.37 12.10 -22.20
C LYS B 176 11.64 11.21 -21.20
N LEU B 177 10.41 11.57 -20.87
CA LEU B 177 9.61 10.76 -19.93
C LEU B 177 9.28 9.39 -20.55
N LEU B 178 8.89 9.37 -21.82
CA LEU B 178 8.57 8.15 -22.54
C LEU B 178 9.81 7.27 -22.65
N GLN B 179 10.95 7.90 -22.93
CA GLN B 179 12.20 7.16 -23.03
C GLN B 179 12.44 6.49 -21.71
N TYR B 180 12.35 7.29 -20.65
CA TYR B 180 12.54 6.80 -19.29
C TYR B 180 11.65 5.59 -19.02
N LEU B 181 10.35 5.71 -19.30
CA LEU B 181 9.41 4.60 -19.06
C LEU B 181 9.85 3.37 -19.84
N TYR B 182 10.26 3.57 -21.09
CA TYR B 182 10.73 2.46 -21.89
C TYR B 182 11.95 1.81 -21.31
N SER B 183 12.79 2.59 -20.64
CA SER B 183 14.01 2.09 -20.02
C SER B 183 13.78 1.20 -18.78
N LEU B 184 12.57 1.25 -18.23
CA LEU B 184 12.23 0.45 -17.05
C LEU B 184 11.35 -0.75 -17.40
N LYS B 185 10.75 -0.70 -18.59
CA LYS B 185 9.86 -1.74 -19.06
C LYS B 185 10.60 -3.08 -19.13
N GLN B 186 9.95 -4.12 -18.64
CA GLN B 186 10.54 -5.45 -18.64
C GLN B 186 9.83 -6.34 -19.63
N PRO B 187 10.52 -7.40 -20.09
CA PRO B 187 9.94 -8.34 -21.04
C PRO B 187 8.65 -8.98 -20.51
N ASP B 188 8.55 -9.18 -19.19
CA ASP B 188 7.35 -9.81 -18.59
C ASP B 188 6.15 -8.88 -18.38
N GLY B 189 6.29 -7.61 -18.72
CA GLY B 189 5.20 -6.67 -18.60
C GLY B 189 5.40 -5.70 -17.45
N SER B 190 6.27 -6.06 -16.52
CA SER B 190 6.53 -5.23 -15.36
C SER B 190 7.46 -4.09 -15.70
N PHE B 191 7.67 -3.21 -14.72
CA PHE B 191 8.55 -2.05 -14.85
C PHE B 191 9.46 -2.01 -13.61
N LEU B 192 10.68 -1.53 -13.77
CA LEU B 192 11.54 -1.41 -12.63
C LEU B 192 11.11 -0.07 -12.04
N MET B 193 11.38 0.17 -10.76
CA MET B 193 11.05 1.45 -10.11
C MET B 193 12.05 2.50 -10.59
N HIS B 194 13.24 2.02 -10.93
CA HIS B 194 14.32 2.84 -11.43
C HIS B 194 15.41 1.88 -11.94
N VAL B 195 16.32 2.39 -12.77
CA VAL B 195 17.41 1.60 -13.30
C VAL B 195 18.22 0.96 -12.18
N GLY B 196 18.40 -0.36 -12.29
CA GLY B 196 19.12 -1.09 -11.28
C GLY B 196 18.26 -1.26 -10.03
N GLY B 197 16.97 -0.97 -10.16
CA GLY B 197 16.07 -1.04 -9.04
C GLY B 197 15.14 -2.24 -8.99
N GLU B 198 14.21 -2.17 -8.04
CA GLU B 198 13.24 -3.23 -7.80
C GLU B 198 11.96 -3.16 -8.62
N VAL B 199 11.24 -4.27 -8.65
CA VAL B 199 9.98 -4.38 -9.36
C VAL B 199 8.87 -4.76 -8.39
N ASP B 200 7.73 -4.10 -8.53
CA ASP B 200 6.54 -4.42 -7.74
C ASP B 200 5.40 -3.66 -8.37
N VAL B 201 4.16 -3.96 -7.99
CA VAL B 201 2.98 -3.30 -8.61
C VAL B 201 2.94 -1.77 -8.62
N ARG B 202 3.64 -1.13 -7.69
CA ARG B 202 3.65 0.33 -7.63
C ARG B 202 4.16 0.92 -8.94
N SER B 203 5.15 0.25 -9.56
CA SER B 203 5.75 0.79 -10.79
C SER B 203 4.82 0.83 -11.98
N ALA B 204 3.97 -0.18 -12.09
CA ALA B 204 2.99 -0.26 -13.18
C ALA B 204 2.05 0.91 -13.07
N TYR B 205 1.61 1.21 -11.85
CA TYR B 205 0.69 2.33 -11.58
C TYR B 205 1.36 3.70 -11.75
N CYS B 206 2.58 3.86 -11.22
CA CYS B 206 3.29 5.12 -11.36
C CYS B 206 3.45 5.46 -12.84
N ALA B 207 3.78 4.43 -13.62
CA ALA B 207 3.98 4.58 -15.06
C ALA B 207 2.68 4.85 -15.82
N ALA B 208 1.63 4.09 -15.54
CA ALA B 208 0.35 4.25 -16.21
C ALA B 208 -0.31 5.59 -15.85
N SER B 209 -0.07 6.07 -14.63
CA SER B 209 -0.60 7.36 -14.19
C SER B 209 0.08 8.53 -14.93
N VAL B 210 1.41 8.57 -14.93
CA VAL B 210 2.13 9.64 -15.61
C VAL B 210 2.04 9.57 -17.14
N ALA B 211 2.00 8.37 -17.71
CA ALA B 211 1.94 8.22 -19.17
C ALA B 211 0.59 8.62 -19.72
N SER B 212 -0.47 8.25 -19.01
CA SER B 212 -1.82 8.60 -19.44
C SER B 212 -2.13 10.10 -19.28
N LEU B 213 -1.83 10.66 -18.11
CA LEU B 213 -2.06 12.08 -17.85
C LEU B 213 -1.33 12.96 -18.88
N THR B 214 -0.10 12.56 -19.23
CA THR B 214 0.70 13.31 -20.19
C THR B 214 0.55 12.89 -21.65
N ASN B 215 -0.28 11.89 -21.93
CA ASN B 215 -0.52 11.43 -23.29
C ASN B 215 0.75 10.96 -24.01
N ILE B 216 1.48 10.03 -23.42
CA ILE B 216 2.69 9.52 -24.06
C ILE B 216 2.60 8.02 -24.22
N ILE B 217 1.38 7.49 -24.13
CA ILE B 217 1.20 6.05 -24.26
C ILE B 217 1.32 5.58 -25.71
N THR B 218 2.33 4.79 -26.00
CA THR B 218 2.49 4.24 -27.33
C THR B 218 1.76 2.91 -27.29
N PRO B 219 1.51 2.31 -28.46
CA PRO B 219 0.80 1.03 -28.54
C PRO B 219 1.40 -0.16 -27.81
N ASP B 220 2.72 -0.16 -27.66
CA ASP B 220 3.39 -1.27 -27.01
C ASP B 220 3.97 -0.96 -25.62
N LEU B 221 3.88 0.28 -25.17
CA LEU B 221 4.42 0.67 -23.87
C LEU B 221 3.98 -0.25 -22.72
N PHE B 222 2.68 -0.53 -22.65
CA PHE B 222 2.14 -1.37 -21.58
C PHE B 222 1.73 -2.76 -22.01
N GLU B 223 2.45 -3.29 -23.00
CA GLU B 223 2.22 -4.62 -23.51
C GLU B 223 2.61 -5.61 -22.42
N GLY B 224 1.68 -6.49 -22.08
CA GLY B 224 1.96 -7.48 -21.06
C GLY B 224 1.81 -6.98 -19.64
N THR B 225 1.60 -5.68 -19.47
CA THR B 225 1.46 -5.12 -18.13
C THR B 225 0.21 -5.59 -17.39
N ALA B 226 -0.93 -5.60 -18.07
CA ALA B 226 -2.18 -6.04 -17.45
C ALA B 226 -2.06 -7.49 -17.03
N GLU B 227 -1.37 -8.26 -17.85
CA GLU B 227 -1.20 -9.68 -17.57
C GLU B 227 -0.29 -9.90 -16.38
N TRP B 228 0.75 -9.07 -16.25
CA TRP B 228 1.66 -9.17 -15.13
C TRP B 228 0.96 -8.81 -13.81
N ILE B 229 0.18 -7.72 -13.82
CA ILE B 229 -0.56 -7.26 -12.66
C ILE B 229 -1.57 -8.34 -12.24
N ALA B 230 -2.23 -8.95 -13.22
CA ALA B 230 -3.19 -10.02 -12.96
C ALA B 230 -2.53 -11.19 -12.19
N ARG B 231 -1.23 -11.42 -12.44
CA ARG B 231 -0.50 -12.49 -11.75
C ARG B 231 -0.22 -12.16 -10.29
N CYS B 232 -0.40 -10.88 -9.92
CA CYS B 232 -0.20 -10.47 -8.55
C CYS B 232 -1.42 -10.74 -7.66
N GLN B 233 -2.57 -11.02 -8.27
CA GLN B 233 -3.79 -11.33 -7.50
C GLN B 233 -3.65 -12.77 -7.04
N ASN B 234 -3.77 -12.98 -5.73
CA ASN B 234 -3.61 -14.30 -5.12
C ASN B 234 -4.90 -14.92 -4.58
N TRP B 235 -4.74 -16.05 -3.89
CA TRP B 235 -5.82 -16.83 -3.29
C TRP B 235 -6.78 -16.04 -2.40
N GLU B 236 -6.33 -14.90 -1.88
CA GLU B 236 -7.12 -14.05 -1.00
C GLU B 236 -8.11 -13.15 -1.73
N GLY B 237 -7.84 -12.85 -3.00
CA GLY B 237 -8.71 -11.98 -3.75
C GLY B 237 -7.99 -10.66 -3.93
N GLY B 238 -7.10 -10.36 -3.00
CA GLY B 238 -6.32 -9.13 -3.08
C GLY B 238 -5.13 -9.31 -4.01
N ILE B 239 -4.27 -8.29 -4.04
CA ILE B 239 -3.08 -8.25 -4.89
C ILE B 239 -1.82 -8.01 -4.05
N GLY B 240 -0.75 -8.75 -4.35
CA GLY B 240 0.52 -8.61 -3.63
C GLY B 240 1.51 -7.76 -4.41
N GLY B 241 2.62 -7.39 -3.81
CA GLY B 241 3.61 -6.57 -4.51
C GLY B 241 4.14 -7.16 -5.82
N VAL B 242 4.36 -8.46 -5.82
CA VAL B 242 4.84 -9.22 -6.97
C VAL B 242 4.14 -10.57 -6.87
N PRO B 243 4.06 -11.36 -7.97
CA PRO B 243 3.39 -12.66 -7.86
C PRO B 243 3.90 -13.58 -6.72
N GLY B 244 2.97 -14.17 -5.99
CA GLY B 244 3.34 -15.05 -4.89
C GLY B 244 3.14 -14.38 -3.54
N MET B 245 3.15 -13.05 -3.52
CA MET B 245 3.02 -12.29 -2.26
C MET B 245 1.63 -12.09 -1.65
N GLU B 246 1.63 -11.92 -0.33
CA GLU B 246 0.41 -11.72 0.44
C GLU B 246 -0.34 -10.50 -0.08
N ALA B 247 -1.67 -10.59 -0.12
CA ALA B 247 -2.52 -9.49 -0.57
C ALA B 247 -2.31 -8.29 0.36
N HIS B 248 -2.09 -7.13 -0.25
CA HIS B 248 -1.77 -5.91 0.48
C HIS B 248 -2.57 -4.73 -0.08
N GLY B 249 -3.07 -3.89 0.82
CA GLY B 249 -3.89 -2.75 0.44
C GLY B 249 -3.26 -1.72 -0.45
N GLY B 250 -2.00 -1.37 -0.20
CA GLY B 250 -1.34 -0.38 -1.05
C GLY B 250 -1.08 -0.92 -2.45
N TYR B 251 -0.60 -2.16 -2.53
CA TYR B 251 -0.32 -2.79 -3.81
C TYR B 251 -1.58 -3.07 -4.61
N THR B 252 -2.67 -3.41 -3.89
CA THR B 252 -3.94 -3.70 -4.55
C THR B 252 -4.53 -2.45 -5.24
N PHE B 253 -4.39 -1.28 -4.61
CA PHE B 253 -4.88 -0.05 -5.21
C PHE B 253 -4.09 0.17 -6.49
N CYS B 254 -2.76 0.07 -6.41
CA CYS B 254 -1.87 0.27 -7.57
C CYS B 254 -2.21 -0.67 -8.73
N GLY B 255 -2.47 -1.93 -8.39
CA GLY B 255 -2.81 -2.92 -9.39
C GLY B 255 -4.12 -2.58 -10.06
N LEU B 256 -5.19 -2.41 -9.27
CA LEU B 256 -6.49 -2.07 -9.83
C LEU B 256 -6.55 -0.71 -10.53
N ALA B 257 -5.96 0.32 -9.93
CA ALA B 257 -5.98 1.64 -10.55
C ALA B 257 -5.22 1.62 -11.88
N ALA B 258 -4.15 0.82 -11.97
CA ALA B 258 -3.36 0.72 -13.20
C ALA B 258 -4.20 0.03 -14.27
N LEU B 259 -4.92 -1.02 -13.89
CA LEU B 259 -5.78 -1.74 -14.83
C LEU B 259 -6.92 -0.86 -15.36
N VAL B 260 -7.48 -0.01 -14.49
CA VAL B 260 -8.56 0.91 -14.88
C VAL B 260 -8.04 1.85 -15.95
N ILE B 261 -6.82 2.35 -15.75
CA ILE B 261 -6.19 3.24 -16.72
C ILE B 261 -6.00 2.49 -18.05
N LEU B 262 -5.60 1.24 -17.97
CA LEU B 262 -5.35 0.41 -19.15
C LEU B 262 -6.62 -0.21 -19.73
N LYS B 263 -7.74 -0.03 -19.04
CA LYS B 263 -9.01 -0.59 -19.49
C LYS B 263 -8.97 -2.10 -19.52
N LYS B 264 -8.27 -2.68 -18.56
CA LYS B 264 -8.16 -4.13 -18.46
C LYS B 264 -8.57 -4.64 -17.10
N GLU B 265 -9.44 -3.92 -16.40
CA GLU B 265 -9.90 -4.35 -15.07
C GLU B 265 -10.41 -5.78 -15.10
N ARG B 266 -10.97 -6.18 -16.25
CA ARG B 266 -11.51 -7.52 -16.43
C ARG B 266 -10.46 -8.62 -16.29
N SER B 267 -9.17 -8.26 -16.36
CA SER B 267 -8.08 -9.24 -16.21
C SER B 267 -8.03 -9.79 -14.79
N LEU B 268 -8.75 -9.15 -13.87
CA LEU B 268 -8.81 -9.57 -12.46
C LEU B 268 -10.11 -10.28 -12.16
N ASN B 269 -10.13 -11.01 -11.06
CA ASN B 269 -11.35 -11.64 -10.61
C ASN B 269 -11.91 -10.55 -9.68
N LEU B 270 -12.70 -9.66 -10.26
CA LEU B 270 -13.28 -8.53 -9.54
C LEU B 270 -14.14 -8.92 -8.34
N LYS B 271 -14.75 -10.09 -8.38
CA LYS B 271 -15.58 -10.51 -7.29
C LYS B 271 -14.79 -10.91 -6.07
N SER B 272 -13.73 -11.69 -6.27
CA SER B 272 -12.89 -12.12 -5.15
C SER B 272 -12.15 -10.92 -4.60
N LEU B 273 -11.89 -9.95 -5.47
CA LEU B 273 -11.20 -8.72 -5.06
C LEU B 273 -12.18 -7.91 -4.21
N LEU B 274 -13.45 -7.88 -4.64
CA LEU B 274 -14.49 -7.16 -3.91
C LEU B 274 -14.68 -7.75 -2.52
N GLN B 275 -14.66 -9.08 -2.42
CA GLN B 275 -14.84 -9.69 -1.11
C GLN B 275 -13.62 -9.44 -0.22
N TRP B 276 -12.43 -9.42 -0.82
CA TRP B 276 -11.23 -9.18 -0.03
C TRP B 276 -11.17 -7.76 0.55
N VAL B 277 -11.37 -6.73 -0.28
CA VAL B 277 -11.28 -5.35 0.21
C VAL B 277 -12.36 -4.97 1.22
N THR B 278 -13.58 -5.48 1.02
CA THR B 278 -14.65 -5.17 1.95
C THR B 278 -14.38 -5.85 3.30
N SER B 279 -13.65 -6.96 3.27
CA SER B 279 -13.30 -7.68 4.50
C SER B 279 -12.20 -6.95 5.27
N ARG B 280 -11.57 -5.97 4.64
CA ARG B 280 -10.49 -5.24 5.29
C ARG B 280 -10.96 -4.13 6.20
N GLN B 281 -12.24 -3.77 6.14
CA GLN B 281 -12.75 -2.72 7.03
C GLN B 281 -12.91 -3.36 8.41
N MET B 282 -12.42 -2.68 9.43
CA MET B 282 -12.48 -3.19 10.79
C MET B 282 -13.88 -2.94 11.42
N ARG B 283 -14.58 -4.03 11.73
CA ARG B 283 -15.93 -3.96 12.32
C ARG B 283 -15.98 -3.05 13.56
N PHE B 284 -14.94 -3.10 14.39
CA PHE B 284 -14.89 -2.28 15.58
C PHE B 284 -14.37 -0.88 15.34
N GLU B 285 -13.15 -0.76 14.84
CA GLU B 285 -12.54 0.55 14.64
C GLU B 285 -13.16 1.36 13.52
N GLY B 286 -13.69 0.67 12.50
CA GLY B 286 -14.32 1.34 11.37
C GLY B 286 -13.36 1.75 10.26
N GLY B 287 -12.07 1.75 10.58
CA GLY B 287 -11.06 2.06 9.58
C GLY B 287 -10.67 0.78 8.82
N PHE B 288 -9.71 0.89 7.91
CA PHE B 288 -9.25 -0.25 7.11
C PHE B 288 -7.86 -0.74 7.53
N GLN B 289 -7.68 -2.06 7.47
CA GLN B 289 -6.40 -2.70 7.75
C GLN B 289 -5.77 -2.94 6.35
N GLY B 290 -4.44 -2.99 6.31
CA GLY B 290 -3.74 -3.19 5.06
C GLY B 290 -3.70 -4.61 4.59
N ARG B 291 -3.67 -5.53 5.54
CA ARG B 291 -3.60 -6.96 5.25
C ARG B 291 -4.47 -7.68 6.25
N CYS B 292 -4.99 -8.84 5.88
CA CYS B 292 -5.83 -9.59 6.80
C CYS B 292 -5.04 -9.89 8.08
N ASN B 293 -5.71 -9.71 9.22
CA ASN B 293 -5.11 -9.96 10.52
C ASN B 293 -4.01 -9.00 10.98
N LYS B 294 -4.00 -7.81 10.39
CA LYS B 294 -3.06 -6.77 10.80
C LYS B 294 -3.88 -5.62 11.43
N LEU B 295 -3.23 -4.55 11.87
CA LEU B 295 -3.93 -3.45 12.55
C LEU B 295 -4.56 -2.40 11.65
N VAL B 296 -5.49 -1.63 12.21
CA VAL B 296 -6.15 -0.59 11.44
C VAL B 296 -5.12 0.50 11.19
N ASP B 297 -5.26 1.25 10.11
CA ASP B 297 -4.34 2.34 9.82
C ASP B 297 -5.04 3.37 8.95
N GLY B 298 -5.09 4.61 9.42
CA GLY B 298 -5.72 5.69 8.69
C GLY B 298 -5.32 5.91 7.24
N CYS B 299 -4.09 5.60 6.84
CA CYS B 299 -3.68 5.81 5.45
C CYS B 299 -4.41 4.85 4.53
N TYR B 300 -4.85 3.72 5.08
CA TYR B 300 -5.60 2.74 4.30
C TYR B 300 -7.04 3.18 4.04
N SER B 301 -7.41 4.35 4.56
CA SER B 301 -8.74 4.90 4.32
C SER B 301 -8.78 5.20 2.83
N PHE B 302 -7.63 5.52 2.24
CA PHE B 302 -7.57 5.76 0.81
C PHE B 302 -7.20 4.52 -0.01
N TRP B 303 -6.06 3.90 0.28
CA TRP B 303 -5.64 2.74 -0.50
C TRP B 303 -6.70 1.67 -0.53
N GLN B 304 -7.33 1.37 0.61
CA GLN B 304 -8.35 0.34 0.63
C GLN B 304 -9.75 0.85 0.22
N ALA B 305 -10.25 1.91 0.86
CA ALA B 305 -11.58 2.43 0.51
C ALA B 305 -11.62 2.96 -0.91
N GLY B 306 -10.49 3.46 -1.40
CA GLY B 306 -10.40 3.97 -2.77
C GLY B 306 -10.65 2.92 -3.84
N LEU B 307 -10.54 1.65 -3.46
CA LEU B 307 -10.79 0.52 -4.37
C LEU B 307 -12.29 0.37 -4.65
N LEU B 308 -13.13 0.80 -3.72
CA LEU B 308 -14.56 0.64 -3.89
C LEU B 308 -15.09 1.45 -5.07
N PRO B 309 -14.68 2.73 -5.21
CA PRO B 309 -15.17 3.52 -6.35
C PRO B 309 -14.71 2.88 -7.66
N LEU B 310 -13.47 2.39 -7.68
CA LEU B 310 -12.88 1.75 -8.87
C LEU B 310 -13.63 0.46 -9.25
N LEU B 311 -13.97 -0.36 -8.26
CA LEU B 311 -14.69 -1.59 -8.49
C LEU B 311 -16.13 -1.29 -8.91
N HIS B 312 -16.65 -0.15 -8.48
CA HIS B 312 -17.99 0.29 -8.82
C HIS B 312 -18.03 0.58 -10.32
N ARG B 313 -17.09 1.43 -10.75
CA ARG B 313 -16.92 1.82 -12.14
C ARG B 313 -16.75 0.59 -13.05
N ALA B 314 -15.91 -0.36 -12.63
CA ALA B 314 -15.67 -1.58 -13.42
C ALA B 314 -16.87 -2.51 -13.55
N LEU B 315 -17.49 -2.85 -12.42
CA LEU B 315 -18.64 -3.75 -12.42
C LEU B 315 -19.80 -3.11 -13.19
N HIS B 316 -19.86 -1.79 -13.13
CA HIS B 316 -20.89 -1.04 -13.80
C HIS B 316 -20.66 -1.06 -15.30
N ALA B 317 -19.39 -1.05 -15.70
CA ALA B 317 -18.99 -1.09 -17.10
C ALA B 317 -19.38 -2.46 -17.67
N GLN B 318 -19.57 -3.41 -16.78
CA GLN B 318 -19.98 -4.75 -17.16
C GLN B 318 -21.51 -4.80 -17.09
N GLY B 319 -22.09 -3.67 -16.74
CA GLY B 319 -23.55 -3.55 -16.63
C GLY B 319 -24.13 -4.29 -15.46
N ASP B 320 -23.43 -4.25 -14.33
CA ASP B 320 -23.91 -4.93 -13.13
C ASP B 320 -25.19 -4.19 -12.71
N PRO B 321 -26.31 -4.93 -12.62
CA PRO B 321 -27.63 -4.41 -12.23
C PRO B 321 -27.84 -4.17 -10.72
N ALA B 322 -27.17 -4.95 -9.89
CA ALA B 322 -27.32 -4.87 -8.43
C ALA B 322 -26.49 -3.81 -7.69
N LEU B 323 -25.80 -2.94 -8.40
CA LEU B 323 -24.98 -1.92 -7.77
C LEU B 323 -25.79 -0.78 -7.14
N SER B 324 -25.34 -0.29 -5.98
CA SER B 324 -26.02 0.80 -5.29
C SER B 324 -25.99 2.06 -6.13
N MET B 325 -26.95 2.95 -5.87
CA MET B 325 -27.04 4.19 -6.62
C MET B 325 -26.87 5.36 -5.70
N SER B 326 -26.35 5.10 -4.50
CA SER B 326 -26.13 6.15 -3.50
C SER B 326 -24.88 5.93 -2.65
N HIS B 327 -24.47 4.67 -2.50
CA HIS B 327 -23.33 4.35 -1.66
C HIS B 327 -22.25 3.42 -2.21
N TRP B 328 -21.03 3.59 -1.71
CA TRP B 328 -19.92 2.71 -2.07
C TRP B 328 -20.12 1.43 -1.27
N MET B 329 -19.41 0.37 -1.64
CA MET B 329 -19.57 -0.88 -0.92
C MET B 329 -18.74 -1.09 0.35
N PHE B 330 -18.74 -0.08 1.21
CA PHE B 330 -18.08 -0.13 2.50
C PHE B 330 -18.88 0.80 3.41
N HIS B 331 -18.65 0.75 4.71
CA HIS B 331 -19.37 1.62 5.63
C HIS B 331 -18.76 3.02 5.63
N GLN B 332 -19.32 3.90 4.80
CA GLN B 332 -18.82 5.27 4.68
C GLN B 332 -18.86 6.03 6.00
N GLN B 333 -19.90 5.75 6.77
CA GLN B 333 -20.14 6.39 8.06
C GLN B 333 -19.03 6.04 9.06
N ALA B 334 -18.81 4.74 9.25
CA ALA B 334 -17.80 4.23 10.18
C ALA B 334 -16.40 4.71 9.82
N LEU B 335 -16.06 4.71 8.52
CA LEU B 335 -14.74 5.19 8.14
C LEU B 335 -14.57 6.67 8.49
N GLN B 336 -15.59 7.48 8.19
CA GLN B 336 -15.53 8.93 8.50
C GLN B 336 -15.38 9.17 9.99
N GLU B 337 -16.01 8.30 10.77
CA GLU B 337 -15.95 8.37 12.23
C GLU B 337 -14.56 8.02 12.74
N TYR B 338 -13.96 6.95 12.21
CA TYR B 338 -12.60 6.57 12.61
C TYR B 338 -11.67 7.73 12.27
N ILE B 339 -11.70 8.21 11.03
CA ILE B 339 -10.83 9.33 10.68
C ILE B 339 -11.03 10.56 11.56
N LEU B 340 -12.28 11.03 11.70
CA LEU B 340 -12.58 12.25 12.50
C LEU B 340 -12.30 12.15 13.98
N MET B 341 -12.71 11.05 14.61
CA MET B 341 -12.49 10.87 16.04
C MET B 341 -11.09 10.37 16.39
N CYS B 342 -10.58 9.41 15.61
CA CYS B 342 -9.27 8.82 15.91
C CYS B 342 -8.01 9.21 15.15
N CYS B 343 -8.10 9.90 14.02
CA CYS B 343 -6.89 10.22 13.26
C CYS B 343 -6.41 11.66 13.17
N GLN B 344 -7.01 12.56 13.93
CA GLN B 344 -6.53 13.94 13.86
C GLN B 344 -5.63 14.25 15.02
N CYS B 345 -4.58 14.99 14.73
CA CYS B 345 -3.65 15.44 15.75
C CYS B 345 -4.19 16.83 16.08
N PRO B 346 -4.50 17.12 17.37
CA PRO B 346 -5.03 18.42 17.81
C PRO B 346 -4.22 19.60 17.28
N ALA B 347 -2.91 19.43 17.24
CA ALA B 347 -1.99 20.45 16.74
C ALA B 347 -2.06 20.63 15.20
N GLY B 348 -2.89 19.84 14.53
CA GLY B 348 -2.99 19.92 13.08
C GLY B 348 -2.30 18.69 12.51
N GLY B 349 -2.76 18.22 11.36
CA GLY B 349 -2.17 17.02 10.78
C GLY B 349 -2.97 15.80 11.17
N LEU B 350 -2.89 14.75 10.34
CA LEU B 350 -3.60 13.50 10.59
C LEU B 350 -2.64 12.34 10.79
N LEU B 351 -3.14 11.21 11.28
CA LEU B 351 -2.24 10.11 11.55
C LEU B 351 -2.78 8.72 11.39
N ASP B 352 -1.89 7.75 11.61
CA ASP B 352 -2.16 6.32 11.52
C ASP B 352 -3.31 5.95 12.47
N LYS B 353 -3.04 5.98 13.76
CA LYS B 353 -4.03 5.64 14.76
C LYS B 353 -3.68 6.42 16.02
N PRO B 354 -4.58 6.43 17.02
CA PRO B 354 -4.23 7.18 18.23
C PRO B 354 -2.89 6.73 18.82
N GLY B 355 -2.06 7.69 19.18
CA GLY B 355 -0.76 7.32 19.75
C GLY B 355 0.37 7.48 18.76
N LYS B 356 0.01 7.58 17.48
CA LYS B 356 0.96 7.76 16.41
C LYS B 356 1.21 9.24 16.22
N SER B 357 2.32 9.57 15.58
CA SER B 357 2.65 10.95 15.30
C SER B 357 2.15 11.32 13.91
N ARG B 358 1.81 12.59 13.76
CA ARG B 358 1.33 13.09 12.51
C ARG B 358 2.47 13.16 11.52
N ASP B 359 2.12 13.11 10.24
CA ASP B 359 3.09 13.24 9.17
C ASP B 359 2.29 13.64 7.94
N PHE B 360 2.98 14.20 6.96
CA PHE B 360 2.32 14.65 5.74
C PHE B 360 1.70 13.55 4.89
N TYR B 361 2.28 12.35 4.95
CA TYR B 361 1.79 11.18 4.22
C TYR B 361 0.39 10.82 4.72
N HIS B 362 0.26 10.67 6.04
CA HIS B 362 -1.01 10.31 6.65
C HIS B 362 -2.04 11.44 6.56
N THR B 363 -1.57 12.68 6.55
CA THR B 363 -2.48 13.80 6.41
C THR B 363 -3.14 13.70 5.03
N CYS B 364 -2.32 13.47 4.01
CA CYS B 364 -2.79 13.32 2.65
C CYS B 364 -3.78 12.16 2.46
N TYR B 365 -3.42 10.98 2.93
CA TYR B 365 -4.29 9.83 2.74
C TYR B 365 -5.50 9.71 3.67
N CYS B 366 -5.40 10.32 4.84
CA CYS B 366 -6.53 10.32 5.76
C CYS B 366 -7.55 11.26 5.15
N LEU B 367 -7.08 12.40 4.63
CA LEU B 367 -7.96 13.36 3.98
C LEU B 367 -8.48 12.79 2.68
N SER B 368 -7.62 12.09 1.94
CA SER B 368 -8.03 11.49 0.67
C SER B 368 -9.12 10.45 0.88
N GLY B 369 -8.97 9.65 1.92
CA GLY B 369 -9.96 8.62 2.21
C GLY B 369 -11.25 9.20 2.77
N LEU B 370 -11.17 10.35 3.45
CA LEU B 370 -12.38 10.98 3.99
C LEU B 370 -13.26 11.42 2.83
N SER B 371 -12.63 12.11 1.86
CA SER B 371 -13.27 12.61 0.65
C SER B 371 -14.00 11.49 -0.10
N ILE B 372 -13.34 10.35 -0.23
CA ILE B 372 -13.94 9.20 -0.90
C ILE B 372 -15.15 8.70 -0.11
N ALA B 373 -15.04 8.76 1.21
CA ALA B 373 -16.08 8.31 2.12
C ALA B 373 -17.31 9.25 2.07
N GLN B 374 -17.07 10.53 1.80
CA GLN B 374 -18.15 11.52 1.72
C GLN B 374 -18.86 11.57 0.37
N HIS B 375 -18.11 11.43 -0.71
CA HIS B 375 -18.68 11.55 -2.03
C HIS B 375 -18.96 10.30 -2.84
N PHE B 376 -20.22 10.05 -3.15
CA PHE B 376 -20.59 8.93 -4.00
C PHE B 376 -21.04 9.47 -5.36
N GLY B 377 -20.86 8.65 -6.39
CA GLY B 377 -21.23 9.03 -7.73
C GLY B 377 -21.14 7.83 -8.68
N SER B 378 -22.12 7.72 -9.57
CA SER B 378 -22.18 6.62 -10.53
C SER B 378 -23.09 7.05 -11.69
N GLY B 379 -22.47 7.66 -12.69
CA GLY B 379 -23.19 8.14 -13.84
C GLY B 379 -23.84 9.46 -13.47
N ALA B 380 -25.17 9.43 -13.39
CA ALA B 380 -25.97 10.61 -13.05
C ALA B 380 -26.22 10.72 -11.55
N MET B 381 -26.00 9.61 -10.84
CA MET B 381 -26.19 9.56 -9.39
C MET B 381 -25.05 10.24 -8.66
N LEU B 382 -25.42 11.03 -7.66
CA LEU B 382 -24.48 11.76 -6.83
C LEU B 382 -25.08 11.75 -5.45
N HIS B 383 -24.30 11.37 -4.45
CA HIS B 383 -24.84 11.32 -3.10
C HIS B 383 -23.73 11.46 -2.09
N ASP B 384 -23.81 12.49 -1.26
CA ASP B 384 -22.81 12.69 -0.24
C ASP B 384 -23.27 12.14 1.10
N VAL B 385 -22.30 11.95 1.99
CA VAL B 385 -22.53 11.49 3.35
C VAL B 385 -21.43 12.21 4.12
N VAL B 386 -21.80 13.32 4.76
CA VAL B 386 -20.84 14.10 5.51
C VAL B 386 -21.17 14.00 6.99
N MET B 387 -20.38 13.21 7.73
CA MET B 387 -20.57 13.03 9.18
C MET B 387 -20.08 14.26 9.92
N GLY B 388 -20.70 14.55 11.07
CA GLY B 388 -20.31 15.72 11.84
C GLY B 388 -20.76 17.05 11.24
N VAL B 389 -20.05 18.12 11.55
CA VAL B 389 -20.42 19.43 11.02
C VAL B 389 -20.23 19.46 9.51
N PRO B 390 -21.18 20.04 8.76
CA PRO B 390 -21.16 20.16 7.30
C PRO B 390 -19.92 20.84 6.69
N GLU B 391 -19.18 21.56 7.51
CA GLU B 391 -17.95 22.21 7.05
C GLU B 391 -16.87 21.13 6.90
N ASN B 392 -17.20 19.90 7.29
CA ASN B 392 -16.29 18.76 7.19
C ASN B 392 -16.14 18.30 5.74
N VAL B 393 -17.16 18.54 4.91
CA VAL B 393 -17.13 18.13 3.52
C VAL B 393 -15.90 18.67 2.79
N LEU B 394 -15.18 17.75 2.14
CA LEU B 394 -13.95 18.09 1.42
C LEU B 394 -14.18 18.12 -0.08
N GLN B 395 -13.21 18.67 -0.80
CA GLN B 395 -13.27 18.69 -2.26
C GLN B 395 -13.16 17.22 -2.71
N PRO B 396 -13.86 16.86 -3.78
CA PRO B 396 -13.78 15.46 -4.24
C PRO B 396 -12.39 15.07 -4.80
N THR B 397 -12.11 13.77 -4.80
CA THR B 397 -10.82 13.27 -5.30
C THR B 397 -11.03 12.15 -6.33
N HIS B 398 -10.26 12.20 -7.42
CA HIS B 398 -10.35 11.18 -8.47
C HIS B 398 -9.74 9.90 -7.91
N PRO B 399 -10.52 8.81 -7.83
CA PRO B 399 -10.04 7.51 -7.30
C PRO B 399 -8.88 6.82 -7.99
N VAL B 400 -8.61 7.17 -9.25
CA VAL B 400 -7.49 6.58 -10.00
C VAL B 400 -6.19 7.33 -9.72
N TYR B 401 -6.23 8.66 -9.89
CA TYR B 401 -5.06 9.52 -9.73
C TYR B 401 -4.84 10.11 -8.34
N ASN B 402 -5.93 10.21 -7.59
CA ASN B 402 -5.95 10.82 -6.27
C ASN B 402 -5.55 12.30 -6.32
N ILE B 403 -6.09 12.99 -7.29
CA ILE B 403 -5.94 14.44 -7.40
C ILE B 403 -7.35 14.84 -7.81
N GLY B 404 -7.72 16.10 -7.61
CA GLY B 404 -9.07 16.54 -7.98
C GLY B 404 -9.49 16.17 -9.39
N PRO B 405 -10.72 15.67 -9.55
CA PRO B 405 -11.28 15.25 -10.85
C PRO B 405 -11.13 16.33 -11.94
N ASP B 406 -11.23 17.57 -11.52
CA ASP B 406 -11.08 18.71 -12.42
C ASP B 406 -9.66 18.79 -12.94
N LYS B 407 -8.70 18.53 -12.04
CA LYS B 407 -7.27 18.54 -12.36
C LYS B 407 -6.96 17.47 -13.37
N VAL B 408 -7.63 16.32 -13.23
CA VAL B 408 -7.46 15.20 -14.14
C VAL B 408 -7.96 15.60 -15.54
N ILE B 409 -9.20 16.05 -15.64
CA ILE B 409 -9.75 16.45 -16.91
C ILE B 409 -8.92 17.56 -17.52
N GLN B 410 -8.55 18.52 -16.69
CA GLN B 410 -7.76 19.65 -17.16
C GLN B 410 -6.38 19.25 -17.73
N ALA B 411 -5.69 18.34 -17.06
CA ALA B 411 -4.36 17.90 -17.50
C ALA B 411 -4.43 17.06 -18.77
N THR B 412 -5.29 16.04 -18.77
CA THR B 412 -5.40 15.16 -19.92
C THR B 412 -5.81 15.94 -21.17
N THR B 413 -6.79 16.83 -21.03
CA THR B 413 -7.24 17.65 -22.17
C THR B 413 -6.09 18.51 -22.70
N HIS B 414 -5.22 18.96 -21.81
CA HIS B 414 -4.12 19.78 -22.22
C HIS B 414 -3.09 19.00 -22.99
N PHE B 415 -2.70 17.84 -22.46
CA PHE B 415 -1.67 17.00 -23.08
C PHE B 415 -2.14 16.29 -24.33
N LEU B 416 -3.45 16.25 -24.50
CA LEU B 416 -4.05 15.65 -25.69
C LEU B 416 -3.91 16.60 -26.87
N GLN B 417 -3.37 17.80 -26.64
CA GLN B 417 -3.14 18.78 -27.70
C GLN B 417 -1.77 18.45 -28.30
N LYS B 418 -0.98 17.70 -27.56
CA LYS B 418 0.33 17.30 -28.04
C LYS B 418 0.23 15.87 -28.55
N PRO B 419 0.99 15.54 -29.58
CA PRO B 419 0.96 14.18 -30.13
C PRO B 419 1.82 13.30 -29.24
N VAL B 420 1.56 11.99 -29.26
CA VAL B 420 2.34 11.04 -28.49
C VAL B 420 3.75 11.02 -29.09
N PRO B 421 4.79 11.22 -28.27
CA PRO B 421 6.18 11.22 -28.74
C PRO B 421 6.49 10.05 -29.66
N GLY B 422 6.91 10.35 -30.89
CA GLY B 422 7.22 9.32 -31.86
C GLY B 422 8.64 8.80 -31.95
N PHE B 423 9.59 9.56 -31.39
CA PHE B 423 11.01 9.18 -31.42
C PHE B 423 11.66 9.14 -32.82
MG MG C . 16.03 0.97 -5.35
ZN ZN D . -0.33 4.35 7.53
CD1 2NH E . 4.02 7.02 -0.66
CG4 2NH E . 5.16 6.16 -0.15
CB4 2NH E . 4.83 4.66 -0.15
CG3 2NH E . 3.67 4.35 0.80
CA4 2NH E . 6.08 3.81 0.24
N3 2NH E . 6.63 4.26 1.52
C19 2NH E . 6.84 3.43 2.53
O20 2NH E . 6.54 2.24 2.50
CA3 2NH E . 7.42 4.06 3.78
N2 2NH E . 6.59 3.75 4.96
C17 2NH E . 5.47 4.43 5.24
O18 2NH E . 5.07 5.38 4.56
CA2 2NH E . 4.72 3.99 6.49
CB2 2NH E . 3.20 4.25 6.33
SG 2NH E . 2.13 3.24 7.37
C 2NH E . 2.15 1.68 6.45
C2 2NH E . 1.37 1.74 5.15
C1 2NH E . 1.93 1.91 3.94
C4 2NH E . 3.42 2.08 3.79
C3 2NH E . 1.06 1.94 2.69
C5 2NH E . 1.68 1.08 1.60
C7 2NH E . 1.28 1.68 0.26
C6 2NH E . 1.94 1.40 -0.87
C8 2NH E . 3.11 0.46 -0.89
C9 2NH E . 1.51 2.03 -2.19
C10 2NH E . 2.36 3.23 -2.52
C11 2NH E . 1.85 3.87 -3.80
C12 2NH E . 2.64 4.48 -4.69
C13 2NH E . 4.14 4.58 -4.49
C14 2NH E . 2.03 5.09 -5.96
N 2NH E . 5.23 4.66 7.68
C15 2NH E . 5.53 3.97 8.79
CA 2NH E . 6.06 4.78 9.96
O16 2NH E . 5.39 2.74 8.89
CB3 2NH E . 8.91 3.65 3.96
CG1 2NH E . 9.51 4.37 5.17
CG2 2NH E . 9.04 2.15 4.11
C22 2NH E . 7.15 3.79 -0.86
O23 2NH E . 6.84 3.64 -2.04
N4 2NH E . 8.40 3.94 -0.44
CA5 2NH E . 9.57 3.93 -1.31
CB5 2NH E . 9.54 5.13 -2.31
CG 2NH E . 10.16 6.45 -1.84
SD 2NH E . 10.23 7.78 -3.07
CE 2NH E . 11.93 7.64 -3.63
C24 2NH E . 10.86 3.92 -0.48
OT1 2NH E . 11.94 3.76 -1.07
OT2 2NH E . 10.78 4.01 0.77
#